data_8PWW
#
_entry.id   8PWW
#
_cell.length_a   78.303
_cell.length_b   121.380
_cell.length_c   78.998
_cell.angle_alpha   90.000
_cell.angle_beta   90.180
_cell.angle_gamma   90.000
#
_symmetry.space_group_name_H-M   'P 1 21 1'
#
loop_
_entity.id
_entity.type
_entity.pdbx_description
1 polymer 'Reticulocyte-binding protein homolog 5'
2 polymer 'scFv fragment for antibody MAD8-151'
3 non-polymer 1,2-ETHANEDIOL
4 non-polymer GLYCEROL
5 non-polymer DI(HYDROXYETHYL)ETHER
6 water water
#
loop_
_entity_poly.entity_id
_entity_poly.type
_entity_poly.pdbx_seq_one_letter_code
_entity_poly.pdbx_strand_id
1 'polypeptide(L)'
;KNVNFLQYHFKELSNYNIANSIDILQEKEGHLDFVIIPHYTFLDYYKHLSYNSIYHKSSTYGKYIAVDAFIKKINEAYDK
VKSKCNDIKNDLIATIKKLEHPYDINNKNRAFKKMMDEYNTKKKKLIKCIKNHENDFNKICMDMKNYGTNLFEQLSCYNN
NFCNTNGIRYHYDEYIHKLILSVKSKNLNKDLSDMTNILQQSELLLTNLNKKMGSYIYIDTIKFIHKEMKHIFNRIEYHT
KIINDKTKIIQDKIKLNIWRTFQKDELLKRILDMSNEYSLFITSDHLRQMLYNTFYSKEKHLNNIFHHLIYVLQMKFNDV
PIKMEYFQTYKKNKPLTQ
;
A,C
2 'polypeptide(L)'
;QVQLQESGPGLVKPSETLSLTCTVSGGPISSYYWNWIRQPPGKGLEWIGHFYHSGSTNYNPSLKSRVTISVDTSKNQFYL
NLSSVTAADSAVYFCARQVTMIQGLIDSWGQGMLVTVSSGGGGSGGGGSGGGGSDIQMTQSPSSLSASVGDRVTITCQAS
QDINNSLNWYQQKPGKALKLLIYDVSNLETGVPSRFSGEGSGTDFSLIISSLQPEDIATYYCQQYEALPLTFGGGTKVEI
KGTKHHHHHH
;
B,D
#
loop_
_chem_comp.id
_chem_comp.type
_chem_comp.name
_chem_comp.formula
EDO non-polymer 1,2-ETHANEDIOL 'C2 H6 O2'
GOL non-polymer GLYCEROL 'C3 H8 O3'
PEG non-polymer DI(HYDROXYETHYL)ETHER 'C4 H10 O3'
#
# COMPACT_ATOMS: atom_id res chain seq x y z
N ASN A 17 -13.34 -6.50 -9.83
CA ASN A 17 -13.22 -7.55 -8.81
C ASN A 17 -13.26 -8.93 -9.45
N ILE A 18 -12.15 -9.66 -9.35
CA ILE A 18 -12.05 -11.02 -9.90
C ILE A 18 -12.97 -12.02 -9.20
N ALA A 19 -13.58 -11.65 -8.06
CA ALA A 19 -14.53 -12.50 -7.34
C ALA A 19 -15.82 -12.71 -8.14
N ASN A 20 -16.18 -11.79 -9.04
CA ASN A 20 -17.36 -11.94 -9.89
C ASN A 20 -16.98 -12.41 -11.33
N SER A 21 -15.72 -12.83 -11.55
CA SER A 21 -15.27 -13.24 -12.88
C SER A 21 -14.52 -14.57 -12.82
N ILE A 22 -15.05 -15.51 -12.04
CA ILE A 22 -14.47 -16.82 -11.91
C ILE A 22 -15.47 -17.86 -12.41
N ASP A 23 -15.05 -18.76 -13.31
CA ASP A 23 -15.91 -19.84 -13.76
C ASP A 23 -15.46 -21.13 -13.03
N ILE A 24 -16.43 -21.97 -12.61
CA ILE A 24 -16.12 -23.20 -11.90
C ILE A 24 -16.35 -24.37 -12.83
N LEU A 25 -15.39 -25.30 -12.91
CA LEU A 25 -15.53 -26.44 -13.80
C LEU A 25 -15.48 -27.75 -13.02
N GLN A 26 -16.24 -28.76 -13.47
CA GLN A 26 -16.29 -30.09 -12.86
C GLN A 26 -16.37 -31.06 -14.05
N GLU A 27 -15.29 -31.09 -14.86
CA GLU A 27 -15.21 -31.87 -16.11
C GLU A 27 -15.41 -33.37 -15.95
N LYS A 28 -15.08 -33.90 -14.78
CA LYS A 28 -15.25 -35.30 -14.46
C LYS A 28 -15.70 -35.43 -13.00
N GLU A 29 -16.34 -36.55 -12.65
CA GLU A 29 -16.83 -36.76 -11.29
C GLU A 29 -15.70 -36.69 -10.27
N GLY A 30 -15.92 -35.97 -9.18
CA GLY A 30 -14.91 -35.84 -8.13
C GLY A 30 -13.82 -34.84 -8.39
N HIS A 31 -13.89 -34.15 -9.53
CA HIS A 31 -12.91 -33.15 -9.91
C HIS A 31 -13.54 -31.76 -9.97
N LEU A 32 -12.79 -30.74 -9.59
CA LEU A 32 -13.24 -29.37 -9.64
C LEU A 32 -12.04 -28.46 -9.91
N ASP A 33 -12.20 -27.49 -10.79
CA ASP A 33 -11.17 -26.49 -11.05
C ASP A 33 -11.87 -25.12 -11.22
N PHE A 34 -11.09 -24.05 -11.24
CA PHE A 34 -11.62 -22.72 -11.41
C PHE A 34 -10.77 -21.98 -12.42
N VAL A 35 -11.36 -21.00 -13.09
CA VAL A 35 -10.63 -20.15 -14.01
C VAL A 35 -10.99 -18.72 -13.66
N ILE A 36 -9.98 -17.88 -13.37
CA ILE A 36 -10.20 -16.46 -13.16
C ILE A 36 -10.14 -15.92 -14.58
N ILE A 37 -11.31 -15.67 -15.17
CA ILE A 37 -11.50 -15.25 -16.56
C ILE A 37 -10.58 -14.08 -17.02
N PRO A 38 -10.47 -12.94 -16.31
CA PRO A 38 -9.57 -11.87 -16.80
C PRO A 38 -8.08 -12.28 -16.78
N HIS A 39 -7.69 -13.21 -15.89
CA HIS A 39 -6.30 -13.69 -15.86
C HIS A 39 -6.06 -14.56 -17.08
N TYR A 40 -7.04 -15.44 -17.43
CA TYR A 40 -6.92 -16.32 -18.59
C TYR A 40 -6.83 -15.49 -19.86
N THR A 41 -7.70 -14.47 -20.00
CA THR A 41 -7.64 -13.59 -21.18
C THR A 41 -6.33 -12.82 -21.25
N PHE A 42 -5.88 -12.26 -20.11
CA PHE A 42 -4.64 -11.47 -20.04
C PHE A 42 -3.44 -12.32 -20.46
N LEU A 43 -3.30 -13.53 -19.91
CA LEU A 43 -2.18 -14.40 -20.26
C LEU A 43 -2.21 -14.81 -21.70
N ASP A 44 -3.41 -15.07 -22.23
CA ASP A 44 -3.54 -15.52 -23.61
C ASP A 44 -3.19 -14.38 -24.58
N TYR A 45 -3.59 -13.16 -24.25
CA TYR A 45 -3.30 -11.95 -25.01
C TYR A 45 -1.80 -11.75 -25.18
N TYR A 46 -1.02 -11.86 -24.10
CA TYR A 46 0.43 -11.69 -24.17
C TYR A 46 1.16 -12.89 -24.84
N LYS A 47 0.52 -14.04 -24.90
CA LYS A 47 1.05 -15.19 -25.62
C LYS A 47 0.96 -14.86 -27.13
N HIS A 48 -0.19 -14.39 -27.62
CA HIS A 48 -0.32 -14.00 -29.03
C HIS A 48 0.64 -12.86 -29.38
N LEU A 49 0.84 -11.93 -28.45
CA LEU A 49 1.75 -10.81 -28.67
C LEU A 49 3.21 -11.29 -28.79
N SER A 50 3.58 -12.27 -27.95
CA SER A 50 4.93 -12.82 -27.98
C SER A 50 5.18 -13.55 -29.29
N TYR A 51 4.20 -14.37 -29.78
CA TYR A 51 4.42 -15.13 -31.01
C TYR A 51 4.40 -14.22 -32.21
N ASN A 52 3.52 -13.21 -32.23
CA ASN A 52 3.48 -12.25 -33.35
C ASN A 52 4.82 -11.50 -33.43
N SER A 53 5.40 -11.14 -32.28
CA SER A 53 6.67 -10.39 -32.24
C SER A 53 7.89 -11.15 -32.76
N ILE A 54 7.90 -12.49 -32.62
CA ILE A 54 9.02 -13.28 -33.13
C ILE A 54 8.79 -13.78 -34.56
N TYR A 55 7.53 -13.85 -35.03
CA TYR A 55 7.27 -14.30 -36.41
C TYR A 55 7.27 -13.15 -37.42
N HIS A 56 7.37 -11.90 -36.95
CA HIS A 56 7.43 -10.74 -37.84
C HIS A 56 8.65 -10.80 -38.77
N LYS A 57 9.81 -11.22 -38.23
CA LYS A 57 11.07 -11.29 -38.97
C LYS A 57 11.51 -12.75 -39.12
N SER A 58 12.03 -13.16 -40.29
CA SER A 58 12.46 -14.56 -40.47
C SER A 58 13.55 -14.98 -39.49
N SER A 59 14.52 -14.10 -39.22
CA SER A 59 15.63 -14.43 -38.34
C SER A 59 15.26 -14.64 -36.86
N THR A 60 14.06 -14.24 -36.42
CA THR A 60 13.67 -14.47 -35.01
C THR A 60 12.74 -15.68 -34.81
N TYR A 61 12.44 -16.45 -35.89
CA TYR A 61 11.54 -17.60 -35.77
C TYR A 61 12.00 -18.61 -34.73
N GLY A 62 13.31 -18.80 -34.61
CA GLY A 62 13.89 -19.76 -33.68
C GLY A 62 13.59 -19.46 -32.22
N LYS A 63 13.15 -18.24 -31.92
CA LYS A 63 12.80 -17.87 -30.55
C LYS A 63 11.55 -18.58 -30.03
N TYR A 64 10.79 -19.28 -30.90
CA TYR A 64 9.57 -19.96 -30.46
C TYR A 64 9.84 -21.01 -29.38
N ILE A 65 11.00 -21.69 -29.40
CA ILE A 65 11.34 -22.67 -28.37
C ILE A 65 11.39 -21.98 -26.98
N ALA A 66 11.96 -20.78 -26.93
CA ALA A 66 12.08 -19.98 -25.72
C ALA A 66 10.73 -19.48 -25.27
N VAL A 67 9.91 -18.99 -26.21
CA VAL A 67 8.56 -18.54 -25.87
C VAL A 67 7.73 -19.71 -25.29
N ASP A 68 7.79 -20.86 -25.94
CA ASP A 68 7.07 -22.06 -25.47
C ASP A 68 7.47 -22.41 -24.02
N ALA A 69 8.80 -22.41 -23.74
CA ALA A 69 9.32 -22.77 -22.43
C ALA A 69 8.93 -21.76 -21.37
N PHE A 70 8.98 -20.47 -21.73
CA PHE A 70 8.57 -19.41 -20.81
C PHE A 70 7.08 -19.53 -20.45
N ILE A 71 6.18 -19.76 -21.45
CA ILE A 71 4.73 -19.94 -21.15
C ILE A 71 4.53 -21.09 -20.14
N LYS A 72 5.27 -22.20 -20.31
CA LYS A 72 5.15 -23.31 -19.36
C LYS A 72 5.55 -22.88 -17.95
N LYS A 73 6.60 -22.01 -17.82
CA LYS A 73 7.05 -21.54 -16.52
C LYS A 73 5.98 -20.70 -15.84
N ILE A 74 5.29 -19.86 -16.63
CA ILE A 74 4.15 -19.04 -16.22
C ILE A 74 3.03 -19.97 -15.73
N ASN A 75 2.65 -20.97 -16.56
CA ASN A 75 1.56 -21.89 -16.22
C ASN A 75 1.86 -22.66 -14.94
N GLU A 76 3.13 -23.06 -14.73
CA GLU A 76 3.56 -23.77 -13.52
C GLU A 76 3.53 -22.89 -12.29
N ALA A 77 3.90 -21.62 -12.43
CA ALA A 77 3.90 -20.71 -11.29
C ALA A 77 2.47 -20.38 -10.91
N TYR A 78 1.62 -20.15 -11.91
CA TYR A 78 0.20 -19.86 -11.72
C TYR A 78 -0.49 -21.02 -11.02
N ASP A 79 -0.26 -22.27 -11.50
CA ASP A 79 -0.84 -23.46 -10.90
C ASP A 79 -0.39 -23.66 -9.45
N LYS A 80 0.84 -23.25 -9.12
CA LYS A 80 1.37 -23.34 -7.78
C LYS A 80 0.60 -22.42 -6.85
N VAL A 81 0.28 -21.19 -7.31
CA VAL A 81 -0.53 -20.27 -6.52
C VAL A 81 -1.97 -20.84 -6.37
N LYS A 82 -2.51 -21.40 -7.45
CA LYS A 82 -3.84 -22.02 -7.43
C LYS A 82 -3.90 -23.15 -6.40
N SER A 83 -2.82 -23.96 -6.30
CA SER A 83 -2.72 -25.09 -5.38
C SER A 83 -2.75 -24.71 -3.90
N LYS A 84 -2.58 -23.43 -3.57
CA LYS A 84 -2.67 -22.98 -2.18
C LYS A 84 -4.10 -23.03 -1.65
N CYS A 85 -5.10 -23.09 -2.55
CA CYS A 85 -6.51 -23.21 -2.21
C CYS A 85 -7.00 -24.67 -2.29
N ASN A 86 -6.11 -25.65 -2.53
CA ASN A 86 -6.50 -27.04 -2.70
C ASN A 86 -7.29 -27.64 -1.54
N ASP A 87 -6.97 -27.33 -0.28
CA ASP A 87 -7.73 -27.91 0.84
C ASP A 87 -9.17 -27.38 0.86
N ILE A 88 -9.33 -26.09 0.59
CA ILE A 88 -10.64 -25.45 0.54
C ILE A 88 -11.45 -25.92 -0.69
N LYS A 89 -10.76 -26.14 -1.81
CA LYS A 89 -11.38 -26.64 -3.03
C LYS A 89 -11.84 -28.08 -2.82
N ASN A 90 -11.00 -28.90 -2.16
CA ASN A 90 -11.34 -30.30 -1.85
C ASN A 90 -12.50 -30.42 -0.88
N ASP A 91 -12.70 -29.42 -0.01
CA ASP A 91 -13.83 -29.42 0.92
C ASP A 91 -15.12 -29.13 0.14
N LEU A 92 -15.04 -28.29 -0.89
CA LEU A 92 -16.18 -27.97 -1.75
C LEU A 92 -16.53 -29.22 -2.56
N ILE A 93 -15.52 -29.96 -3.07
CA ILE A 93 -15.74 -31.22 -3.82
C ILE A 93 -16.44 -32.24 -2.93
N ALA A 94 -16.05 -32.32 -1.65
CA ALA A 94 -16.67 -33.23 -0.71
C ALA A 94 -18.15 -32.89 -0.50
N THR A 95 -18.48 -31.59 -0.38
CA THR A 95 -19.85 -31.15 -0.19
C THR A 95 -20.73 -31.46 -1.39
N ILE A 96 -20.24 -31.16 -2.60
CA ILE A 96 -20.94 -31.44 -3.84
C ILE A 96 -21.23 -32.93 -3.95
N LYS A 97 -20.22 -33.77 -3.70
CA LYS A 97 -20.33 -35.23 -3.75
C LYS A 97 -21.38 -35.76 -2.77
N LYS A 98 -21.46 -35.19 -1.56
CA LYS A 98 -22.44 -35.62 -0.58
C LYS A 98 -23.84 -35.21 -1.04
N LEU A 99 -23.99 -33.97 -1.54
CA LEU A 99 -25.27 -33.42 -1.99
C LEU A 99 -25.83 -34.10 -3.24
N GLU A 100 -24.94 -34.65 -4.06
CA GLU A 100 -25.35 -35.30 -5.30
C GLU A 100 -25.60 -36.79 -5.15
N HIS A 101 -25.24 -37.38 -4.01
CA HIS A 101 -25.38 -38.82 -3.85
C HIS A 101 -26.25 -39.21 -2.64
N PRO A 102 -27.54 -39.53 -2.85
CA PRO A 102 -28.40 -39.94 -1.72
C PRO A 102 -27.86 -41.16 -0.97
N TYR A 103 -27.13 -42.06 -1.68
CA TYR A 103 -26.57 -43.25 -1.00
C TYR A 103 -25.32 -42.96 -0.16
N ASP A 104 -24.91 -41.69 -0.05
CA ASP A 104 -23.77 -41.34 0.77
C ASP A 104 -24.29 -41.39 2.21
N ILE A 105 -23.64 -42.19 3.05
CA ILE A 105 -24.01 -42.34 4.45
C ILE A 105 -23.99 -40.97 5.21
N ASN A 106 -23.24 -39.98 4.71
CA ASN A 106 -23.18 -38.64 5.30
C ASN A 106 -24.33 -37.72 4.85
N ASN A 107 -25.04 -38.07 3.76
CA ASN A 107 -26.17 -37.27 3.30
C ASN A 107 -27.30 -37.40 4.34
N LYS A 108 -27.43 -36.39 5.18
CA LYS A 108 -28.42 -36.36 6.24
C LYS A 108 -29.86 -35.98 5.77
N ASN A 109 -30.11 -35.92 4.44
CA ASN A 109 -31.43 -35.56 3.89
C ASN A 109 -31.92 -34.20 4.45
N ARG A 110 -31.06 -33.18 4.45
CA ARG A 110 -31.46 -31.86 4.94
C ARG A 110 -32.28 -31.14 3.87
N ALA A 111 -33.10 -30.15 4.29
CA ALA A 111 -33.93 -29.36 3.37
C ALA A 111 -33.10 -28.73 2.25
N PHE A 112 -33.70 -28.57 1.06
CA PHE A 112 -33.02 -28.00 -0.11
C PHE A 112 -32.37 -26.64 0.19
N LYS A 113 -33.01 -25.83 1.03
CA LYS A 113 -32.47 -24.53 1.43
C LYS A 113 -31.18 -24.74 2.26
N LYS A 114 -31.16 -25.73 3.18
CA LYS A 114 -29.98 -26.07 3.98
C LYS A 114 -28.84 -26.60 3.10
N MET A 115 -29.18 -27.38 2.07
CA MET A 115 -28.19 -27.91 1.13
C MET A 115 -27.56 -26.78 0.33
N MET A 116 -28.37 -25.83 -0.11
CA MET A 116 -27.90 -24.70 -0.86
C MET A 116 -27.04 -23.79 -0.01
N ASP A 117 -27.40 -23.62 1.27
CA ASP A 117 -26.63 -22.80 2.20
C ASP A 117 -25.21 -23.36 2.42
N GLU A 118 -25.08 -24.68 2.57
CA GLU A 118 -23.78 -25.32 2.82
C GLU A 118 -22.84 -25.19 1.60
N TYR A 119 -23.40 -25.45 0.44
CA TYR A 119 -22.71 -25.41 -0.82
C TYR A 119 -22.26 -23.97 -1.12
N ASN A 120 -23.17 -22.98 -0.97
CA ASN A 120 -22.81 -21.56 -1.17
C ASN A 120 -21.72 -21.11 -0.18
N THR A 121 -21.76 -21.61 1.07
CA THR A 121 -20.75 -21.29 2.08
C THR A 121 -19.38 -21.85 1.69
N LYS A 122 -19.33 -23.10 1.23
CA LYS A 122 -18.07 -23.71 0.81
C LYS A 122 -17.52 -23.05 -0.46
N LYS A 123 -18.40 -22.67 -1.37
CA LYS A 123 -18.02 -22.01 -2.61
C LYS A 123 -17.48 -20.60 -2.31
N LYS A 124 -18.06 -19.91 -1.31
CA LYS A 124 -17.66 -18.59 -0.87
C LYS A 124 -16.23 -18.62 -0.32
N LYS A 125 -15.89 -19.68 0.44
CA LYS A 125 -14.58 -19.84 1.03
C LYS A 125 -13.53 -20.05 -0.05
N LEU A 126 -13.88 -20.76 -1.15
CA LEU A 126 -12.94 -20.98 -2.25
C LEU A 126 -12.66 -19.66 -2.94
N ILE A 127 -13.71 -18.88 -3.21
CA ILE A 127 -13.57 -17.56 -3.84
C ILE A 127 -12.76 -16.61 -2.95
N LYS A 128 -12.93 -16.72 -1.63
CA LYS A 128 -12.18 -15.88 -0.69
C LYS A 128 -10.70 -16.26 -0.71
N CYS A 129 -10.38 -17.56 -0.78
CA CYS A 129 -8.99 -18.02 -0.87
C CYS A 129 -8.35 -17.48 -2.14
N ILE A 130 -9.10 -17.53 -3.26
CA ILE A 130 -8.62 -17.00 -4.55
C ILE A 130 -8.34 -15.51 -4.43
N LYS A 131 -9.28 -14.73 -3.88
CA LYS A 131 -9.10 -13.28 -3.69
C LYS A 131 -7.87 -13.00 -2.79
N ASN A 132 -7.65 -13.84 -1.76
CA ASN A 132 -6.51 -13.71 -0.85
C ASN A 132 -5.16 -13.86 -1.56
N HIS A 133 -5.13 -14.54 -2.71
CA HIS A 133 -3.90 -14.75 -3.46
C HIS A 133 -3.80 -13.87 -4.71
N GLU A 134 -4.66 -12.84 -4.84
CA GLU A 134 -4.65 -11.95 -6.00
C GLU A 134 -3.27 -11.36 -6.29
N ASN A 135 -2.57 -10.87 -5.25
CA ASN A 135 -1.23 -10.30 -5.47
C ASN A 135 -0.25 -11.31 -6.10
N ASP A 136 -0.28 -12.57 -5.63
CA ASP A 136 0.56 -13.64 -6.15
C ASP A 136 0.26 -13.90 -7.62
N PHE A 137 -1.03 -13.93 -8.00
CA PHE A 137 -1.44 -14.15 -9.38
C PHE A 137 -1.02 -12.95 -10.24
N ASN A 138 -1.22 -11.72 -9.71
CA ASN A 138 -0.88 -10.48 -10.40
C ASN A 138 0.59 -10.39 -10.73
N LYS A 139 1.48 -10.84 -9.82
CA LYS A 139 2.93 -10.75 -10.11
C LYS A 139 3.27 -11.62 -11.33
N ILE A 140 2.65 -12.82 -11.42
CA ILE A 140 2.87 -13.74 -12.52
C ILE A 140 2.32 -13.14 -13.81
N CYS A 141 1.10 -12.60 -13.76
CA CYS A 141 0.49 -11.96 -14.93
C CYS A 141 1.37 -10.80 -15.44
N MET A 142 1.87 -9.98 -14.52
CA MET A 142 2.73 -8.85 -14.87
C MET A 142 4.05 -9.31 -15.51
N ASP A 143 4.59 -10.47 -15.11
CA ASP A 143 5.77 -11.03 -15.76
C ASP A 143 5.48 -11.52 -17.17
N MET A 144 4.30 -12.12 -17.38
CA MET A 144 3.91 -12.56 -18.73
C MET A 144 3.70 -11.31 -19.63
N LYS A 145 3.11 -10.24 -19.07
CA LYS A 145 2.92 -8.99 -19.79
C LYS A 145 4.30 -8.43 -20.22
N ASN A 146 5.24 -8.39 -19.27
CA ASN A 146 6.61 -7.90 -19.56
C ASN A 146 7.28 -8.73 -20.61
N TYR A 147 7.13 -10.06 -20.55
CA TYR A 147 7.72 -10.95 -21.54
C TYR A 147 7.24 -10.65 -22.94
N GLY A 148 5.91 -10.52 -23.09
CA GLY A 148 5.33 -10.23 -24.39
C GLY A 148 5.64 -8.85 -24.88
N THR A 149 5.47 -7.82 -24.02
CA THR A 149 5.77 -6.46 -24.46
C THR A 149 7.26 -6.29 -24.75
N ASN A 150 8.15 -7.03 -24.06
CA ASN A 150 9.61 -6.91 -24.33
C ASN A 150 9.90 -7.33 -25.77
N LEU A 151 9.27 -8.42 -26.22
CA LEU A 151 9.47 -8.89 -27.59
C LEU A 151 8.81 -7.93 -28.59
N PHE A 152 7.65 -7.39 -28.23
CA PHE A 152 6.89 -6.46 -29.05
C PHE A 152 7.68 -5.19 -29.32
N GLU A 153 8.33 -4.66 -28.29
CA GLU A 153 9.16 -3.46 -28.42
C GLU A 153 10.44 -3.72 -29.23
N GLN A 154 10.86 -4.98 -29.40
CA GLN A 154 12.02 -5.32 -30.22
C GLN A 154 11.68 -5.45 -31.71
N LEU A 155 10.38 -5.52 -32.07
CA LEU A 155 9.93 -5.69 -33.44
C LEU A 155 10.48 -4.58 -34.32
N SER A 156 11.01 -4.94 -35.48
CA SER A 156 11.60 -3.95 -36.36
C SER A 156 11.33 -4.20 -37.82
N CYS A 157 11.42 -3.13 -38.62
CA CYS A 157 11.24 -3.14 -40.06
C CYS A 157 12.44 -2.47 -40.73
N TYR A 158 12.76 -2.90 -41.94
CA TYR A 158 13.79 -2.26 -42.73
C TYR A 158 13.36 -0.81 -43.07
N ASN A 159 12.09 -0.63 -43.38
CA ASN A 159 11.53 0.66 -43.72
C ASN A 159 10.24 0.75 -42.93
N ASN A 160 10.16 1.66 -41.94
CA ASN A 160 8.99 1.76 -41.06
C ASN A 160 7.71 2.26 -41.74
N ASN A 161 7.78 2.66 -43.01
CA ASN A 161 6.58 3.03 -43.73
C ASN A 161 6.03 1.82 -44.55
N PHE A 162 6.81 0.71 -44.66
CA PHE A 162 6.45 -0.49 -45.39
C PHE A 162 6.81 -1.77 -44.61
N CYS A 163 6.30 -1.90 -43.38
CA CYS A 163 6.50 -3.10 -42.56
C CYS A 163 5.76 -4.29 -43.14
N ASN A 164 6.35 -5.47 -43.07
CA ASN A 164 5.73 -6.70 -43.54
C ASN A 164 4.68 -7.16 -42.53
N THR A 165 3.67 -7.91 -42.99
CA THR A 165 2.64 -8.50 -42.14
C THR A 165 2.70 -10.04 -42.16
N ASN A 166 3.83 -10.62 -42.60
CA ASN A 166 3.96 -12.07 -42.66
C ASN A 166 3.90 -12.73 -41.29
N GLY A 167 4.24 -12.01 -40.24
CA GLY A 167 4.16 -12.55 -38.89
C GLY A 167 2.71 -12.72 -38.48
N ILE A 168 1.87 -11.74 -38.80
CA ILE A 168 0.44 -11.82 -38.49
C ILE A 168 -0.19 -13.01 -39.24
N ARG A 169 0.16 -13.14 -40.51
CA ARG A 169 -0.28 -14.18 -41.41
C ARG A 169 0.17 -15.57 -40.91
N TYR A 170 1.48 -15.77 -40.67
CA TYR A 170 2.04 -17.04 -40.21
C TYR A 170 1.44 -17.40 -38.86
N HIS A 171 1.37 -16.43 -37.92
CA HIS A 171 0.79 -16.72 -36.61
C HIS A 171 -0.67 -17.16 -36.74
N TYR A 172 -1.48 -16.45 -37.53
CA TYR A 172 -2.88 -16.85 -37.75
C TYR A 172 -2.94 -18.27 -38.33
N ASP A 173 -2.21 -18.55 -39.42
CA ASP A 173 -2.22 -19.85 -40.04
C ASP A 173 -1.85 -21.01 -39.10
N GLU A 174 -0.76 -20.85 -38.35
CA GLU A 174 -0.22 -21.89 -37.49
C GLU A 174 -0.83 -21.98 -36.12
N TYR A 175 -1.43 -20.90 -35.60
CA TYR A 175 -1.97 -20.93 -34.23
C TYR A 175 -3.45 -20.73 -34.12
N ILE A 176 -4.06 -19.95 -35.03
CA ILE A 176 -5.47 -19.57 -34.86
C ILE A 176 -6.44 -20.24 -35.81
N HIS A 177 -6.06 -20.42 -37.09
CA HIS A 177 -6.94 -21.00 -38.08
C HIS A 177 -7.51 -22.35 -37.70
N LYS A 178 -6.72 -23.23 -37.07
CA LYS A 178 -7.24 -24.55 -36.64
C LYS A 178 -8.35 -24.41 -35.61
N LEU A 179 -8.29 -23.37 -34.76
CA LEU A 179 -9.29 -23.12 -33.75
C LEU A 179 -10.58 -22.60 -34.38
N ILE A 180 -10.46 -21.78 -35.46
CA ILE A 180 -11.62 -21.27 -36.20
C ILE A 180 -12.29 -22.43 -36.93
N LEU A 181 -11.50 -23.31 -37.58
CA LEU A 181 -12.05 -24.46 -38.28
C LEU A 181 -12.76 -25.41 -37.33
N SER A 182 -12.20 -25.62 -36.14
CA SER A 182 -12.81 -26.49 -35.14
C SER A 182 -14.16 -25.95 -34.70
N VAL A 183 -14.25 -24.65 -34.37
CA VAL A 183 -15.54 -24.06 -34.00
C VAL A 183 -16.55 -24.15 -35.15
N LYS A 184 -16.12 -23.88 -36.39
CA LYS A 184 -17.01 -23.96 -37.55
C LYS A 184 -17.46 -25.39 -37.89
N SER A 185 -16.66 -26.41 -37.52
CA SER A 185 -17.06 -27.80 -37.75
C SER A 185 -18.15 -28.21 -36.74
N LYS A 186 -18.12 -27.62 -35.54
CA LYS A 186 -19.14 -27.87 -34.51
C LYS A 186 -20.40 -27.03 -34.81
N ASN A 187 -21.49 -27.28 -34.08
CA ASN A 187 -22.73 -26.52 -34.20
C ASN A 187 -23.05 -26.10 -32.77
N LEU A 188 -22.41 -25.02 -32.32
CA LEU A 188 -22.53 -24.54 -30.95
C LEU A 188 -23.92 -24.12 -30.58
N ASN A 189 -24.69 -23.59 -31.53
CA ASN A 189 -26.07 -23.21 -31.25
C ASN A 189 -26.97 -24.44 -31.12
N LYS A 190 -26.69 -25.52 -31.88
CA LYS A 190 -27.45 -26.77 -31.71
C LYS A 190 -27.10 -27.43 -30.36
N ASP A 191 -25.84 -27.26 -29.89
CA ASP A 191 -25.44 -27.76 -28.57
C ASP A 191 -26.28 -27.08 -27.49
N LEU A 192 -26.61 -25.79 -27.66
CA LEU A 192 -27.47 -25.04 -26.75
C LEU A 192 -28.93 -25.57 -26.74
N SER A 193 -29.51 -25.87 -27.92
CA SER A 193 -30.87 -26.42 -27.97
C SER A 193 -30.89 -27.81 -27.32
N ASP A 194 -29.84 -28.62 -27.56
CA ASP A 194 -29.74 -29.96 -26.98
C ASP A 194 -29.70 -29.89 -25.46
N MET A 195 -29.00 -28.90 -24.91
CA MET A 195 -28.90 -28.74 -23.46
C MET A 195 -30.19 -28.22 -22.88
N THR A 196 -30.87 -27.31 -23.58
CA THR A 196 -32.16 -26.79 -23.15
C THR A 196 -33.19 -27.92 -23.13
N ASN A 197 -33.13 -28.84 -24.11
CA ASN A 197 -34.06 -29.97 -24.16
C ASN A 197 -33.89 -30.86 -22.93
N ILE A 198 -32.62 -31.10 -22.51
CA ILE A 198 -32.25 -31.89 -21.33
C ILE A 198 -32.75 -31.21 -20.04
N LEU A 199 -32.63 -29.87 -19.96
CA LEU A 199 -33.11 -29.14 -18.79
C LEU A 199 -34.64 -29.21 -18.70
N GLN A 200 -35.31 -29.11 -19.85
CA GLN A 200 -36.77 -29.19 -19.88
C GLN A 200 -37.22 -30.60 -19.46
N GLN A 201 -36.56 -31.65 -19.97
CA GLN A 201 -36.90 -33.03 -19.62
C GLN A 201 -36.77 -33.26 -18.12
N SER A 202 -35.73 -32.68 -17.51
CA SER A 202 -35.52 -32.79 -16.07
C SER A 202 -36.56 -31.99 -15.30
N GLU A 203 -37.02 -30.86 -15.85
CA GLU A 203 -38.03 -30.02 -15.22
C GLU A 203 -39.41 -30.71 -15.25
N LEU A 204 -39.75 -31.38 -16.36
CA LEU A 204 -41.03 -32.10 -16.48
C LEU A 204 -41.04 -33.26 -15.48
N LEU A 205 -39.91 -34.01 -15.40
CA LEU A 205 -39.77 -35.15 -14.51
C LEU A 205 -39.88 -34.71 -13.05
N LEU A 206 -39.25 -33.59 -12.72
CA LEU A 206 -39.23 -33.05 -11.38
C LEU A 206 -40.63 -32.68 -10.88
N THR A 207 -41.46 -32.10 -11.74
CA THR A 207 -42.83 -31.74 -11.35
C THR A 207 -43.64 -33.00 -11.12
N ASN A 208 -43.49 -34.00 -12.01
CA ASN A 208 -44.18 -35.29 -11.87
C ASN A 208 -43.73 -36.06 -10.62
N LEU A 209 -42.48 -35.88 -10.20
CA LEU A 209 -41.95 -36.54 -9.02
C LEU A 209 -42.59 -35.95 -7.78
N ASN A 210 -42.77 -34.63 -7.73
CA ASN A 210 -43.39 -33.95 -6.58
C ASN A 210 -44.84 -34.34 -6.40
N LYS A 211 -45.56 -34.63 -7.49
CA LYS A 211 -46.95 -35.05 -7.41
C LYS A 211 -47.03 -36.40 -6.71
N LYS A 212 -46.15 -37.34 -7.08
CA LYS A 212 -46.10 -38.69 -6.53
C LYS A 212 -45.55 -38.75 -5.10
N MET A 213 -44.36 -38.15 -4.87
CA MET A 213 -43.68 -38.16 -3.59
C MET A 213 -43.93 -36.90 -2.75
N GLY A 214 -43.70 -37.01 -1.45
CA GLY A 214 -43.89 -35.87 -0.55
C GLY A 214 -42.62 -35.04 -0.41
N SER A 215 -41.73 -35.46 0.51
CA SER A 215 -40.45 -34.79 0.77
C SER A 215 -39.30 -35.80 0.65
N TYR A 216 -39.18 -36.34 -0.55
CA TYR A 216 -38.22 -37.37 -0.92
C TYR A 216 -36.82 -36.81 -1.10
N ILE A 217 -35.79 -37.52 -0.64
CA ILE A 217 -34.39 -37.09 -0.79
C ILE A 217 -34.01 -36.95 -2.28
N TYR A 218 -34.60 -37.77 -3.16
CA TYR A 218 -34.32 -37.70 -4.59
C TYR A 218 -34.83 -36.42 -5.21
N ILE A 219 -35.91 -35.83 -4.68
CA ILE A 219 -36.40 -34.55 -5.18
C ILE A 219 -35.35 -33.48 -4.89
N ASP A 220 -34.80 -33.46 -3.66
CA ASP A 220 -33.77 -32.49 -3.28
C ASP A 220 -32.47 -32.66 -4.06
N THR A 221 -32.04 -33.90 -4.27
CA THR A 221 -30.83 -34.21 -5.04
C THR A 221 -31.01 -33.82 -6.51
N ILE A 222 -32.19 -34.11 -7.08
CA ILE A 222 -32.45 -33.77 -8.47
C ILE A 222 -32.53 -32.26 -8.64
N LYS A 223 -33.15 -31.54 -7.67
CA LYS A 223 -33.21 -30.08 -7.74
C LYS A 223 -31.81 -29.49 -7.63
N PHE A 224 -30.97 -30.07 -6.78
CA PHE A 224 -29.62 -29.57 -6.60
C PHE A 224 -28.80 -29.68 -7.90
N ILE A 225 -28.79 -30.85 -8.53
CA ILE A 225 -28.03 -31.06 -9.77
C ILE A 225 -28.62 -30.26 -10.90
N HIS A 226 -29.96 -30.21 -10.99
CA HIS A 226 -30.63 -29.45 -12.04
C HIS A 226 -30.30 -27.96 -11.94
N LYS A 227 -30.26 -27.40 -10.73
CA LYS A 227 -29.92 -25.99 -10.51
C LYS A 227 -28.49 -25.74 -10.98
N GLU A 228 -27.56 -26.65 -10.65
CA GLU A 228 -26.17 -26.53 -11.12
C GLU A 228 -26.09 -26.57 -12.65
N MET A 229 -26.84 -27.49 -13.29
CA MET A 229 -26.85 -27.61 -14.75
C MET A 229 -27.47 -26.36 -15.42
N LYS A 230 -28.42 -25.69 -14.75
CA LYS A 230 -29.00 -24.46 -15.28
C LYS A 230 -27.92 -23.37 -15.31
N HIS A 231 -27.16 -23.25 -14.22
CA HIS A 231 -26.07 -22.27 -14.15
C HIS A 231 -24.96 -22.55 -15.17
N ILE A 232 -24.58 -23.82 -15.34
CA ILE A 232 -23.59 -24.22 -16.34
C ILE A 232 -24.09 -23.86 -17.72
N PHE A 233 -25.36 -24.18 -18.01
CA PHE A 233 -25.98 -23.82 -19.29
C PHE A 233 -25.92 -22.31 -19.54
N ASN A 234 -26.26 -21.48 -18.53
CA ASN A 234 -26.21 -20.02 -18.69
C ASN A 234 -24.80 -19.54 -19.05
N ARG A 235 -23.78 -20.15 -18.40
CA ARG A 235 -22.40 -19.78 -18.70
C ARG A 235 -21.99 -20.26 -20.09
N ILE A 236 -22.51 -21.44 -20.53
CA ILE A 236 -22.19 -21.95 -21.88
C ILE A 236 -22.82 -21.03 -22.94
N GLU A 237 -24.04 -20.55 -22.67
CA GLU A 237 -24.77 -19.64 -23.54
C GLU A 237 -23.99 -18.32 -23.64
N TYR A 238 -23.57 -17.78 -22.49
CA TYR A 238 -22.77 -16.57 -22.41
C TYR A 238 -21.47 -16.69 -23.25
N HIS A 239 -20.73 -17.81 -23.09
CA HIS A 239 -19.48 -17.99 -23.84
C HIS A 239 -19.71 -18.28 -25.33
N THR A 240 -20.83 -18.96 -25.69
CA THR A 240 -21.15 -19.28 -27.08
C THR A 240 -21.43 -18.03 -27.88
N LYS A 241 -22.11 -17.05 -27.28
CA LYS A 241 -22.38 -15.79 -27.94
C LYS A 241 -21.06 -15.06 -28.25
N ILE A 242 -20.11 -15.08 -27.31
CA ILE A 242 -18.79 -14.48 -27.53
C ILE A 242 -18.07 -15.23 -28.65
N ILE A 243 -18.14 -16.57 -28.66
CA ILE A 243 -17.52 -17.37 -29.72
C ILE A 243 -18.05 -17.01 -31.06
N ASN A 244 -19.39 -16.96 -31.24
CA ASN A 244 -20.02 -16.63 -32.51
C ASN A 244 -19.67 -15.24 -33.00
N ASP A 245 -19.69 -14.27 -32.09
CA ASP A 245 -19.31 -12.90 -32.45
C ASP A 245 -17.82 -12.83 -32.85
N LYS A 246 -16.93 -13.46 -32.09
CA LYS A 246 -15.50 -13.38 -32.34
C LYS A 246 -15.03 -14.21 -33.54
N THR A 247 -15.72 -15.32 -33.91
CA THR A 247 -15.28 -16.08 -35.10
C THR A 247 -15.49 -15.26 -36.38
N LYS A 248 -16.58 -14.47 -36.42
CA LYS A 248 -16.84 -13.64 -37.59
C LYS A 248 -15.87 -12.47 -37.61
N ILE A 249 -15.69 -11.80 -36.47
CA ILE A 249 -14.77 -10.67 -36.38
C ILE A 249 -13.34 -11.05 -36.77
N ILE A 250 -12.83 -12.19 -36.30
CA ILE A 250 -11.45 -12.64 -36.62
C ILE A 250 -11.29 -12.95 -38.10
N GLN A 251 -12.30 -13.59 -38.70
CA GLN A 251 -12.26 -13.94 -40.11
C GLN A 251 -12.27 -12.68 -40.98
N ASP A 252 -13.07 -11.66 -40.58
CA ASP A 252 -13.14 -10.42 -41.33
C ASP A 252 -11.85 -9.60 -41.13
N LYS A 253 -11.39 -9.48 -39.86
CA LYS A 253 -10.19 -8.68 -39.59
C LYS A 253 -8.92 -9.26 -40.17
N ILE A 254 -8.70 -10.58 -40.09
CA ILE A 254 -7.48 -11.19 -40.60
C ILE A 254 -7.22 -10.86 -42.08
N LYS A 255 -8.27 -10.77 -42.86
CA LYS A 255 -8.19 -10.44 -44.30
C LYS A 255 -7.67 -9.04 -44.53
N LEU A 256 -7.93 -8.12 -43.60
CA LEU A 256 -7.46 -6.73 -43.71
C LEU A 256 -6.01 -6.54 -43.21
N ASN A 257 -5.45 -7.54 -42.53
CA ASN A 257 -4.12 -7.44 -41.91
C ASN A 257 -3.04 -8.30 -42.55
N ILE A 258 -3.33 -8.96 -43.68
CA ILE A 258 -2.35 -9.85 -44.32
C ILE A 258 -2.14 -9.49 -45.79
N TRP A 259 -1.02 -9.94 -46.36
CA TRP A 259 -0.60 -9.72 -47.73
C TRP A 259 -0.49 -8.25 -48.10
N ARG A 260 -0.14 -7.44 -47.13
CA ARG A 260 0.02 -6.01 -47.32
C ARG A 260 1.11 -5.49 -46.38
N THR A 261 1.45 -4.21 -46.50
CA THR A 261 2.42 -3.54 -45.65
C THR A 261 1.67 -2.46 -44.84
N PHE A 262 2.24 -2.07 -43.74
CA PHE A 262 1.68 -1.02 -42.90
C PHE A 262 2.81 -0.15 -42.44
N GLN A 263 2.52 1.07 -41.94
CA GLN A 263 3.53 1.85 -41.23
C GLN A 263 3.66 1.14 -39.88
N LYS A 264 4.84 1.14 -39.27
CA LYS A 264 5.13 0.44 -38.03
C LYS A 264 4.14 0.70 -36.92
N ASP A 265 3.76 1.95 -36.72
CA ASP A 265 2.80 2.28 -35.66
C ASP A 265 1.43 1.62 -35.95
N GLU A 266 1.04 1.52 -37.23
CA GLU A 266 -0.23 0.88 -37.59
C GLU A 266 -0.13 -0.64 -37.46
N LEU A 267 1.01 -1.22 -37.84
CA LEU A 267 1.32 -2.67 -37.72
C LEU A 267 1.21 -3.05 -36.24
N LEU A 268 1.84 -2.25 -35.34
CA LEU A 268 1.79 -2.51 -33.91
C LEU A 268 0.34 -2.50 -33.40
N LYS A 269 -0.46 -1.55 -33.86
CA LYS A 269 -1.88 -1.45 -33.52
C LYS A 269 -2.66 -2.66 -34.01
N ARG A 270 -2.40 -3.13 -35.22
CA ARG A 270 -3.04 -4.31 -35.78
C ARG A 270 -2.68 -5.55 -34.97
N ILE A 271 -1.42 -5.69 -34.54
CA ILE A 271 -0.99 -6.84 -33.77
C ILE A 271 -1.69 -6.85 -32.43
N LEU A 272 -1.87 -5.68 -31.81
CA LEU A 272 -2.55 -5.61 -30.51
C LEU A 272 -4.05 -5.89 -30.72
N ASP A 273 -4.64 -5.37 -31.80
CA ASP A 273 -6.07 -5.58 -32.11
C ASP A 273 -6.35 -7.06 -32.34
N MET A 274 -5.53 -7.74 -33.17
CA MET A 274 -5.69 -9.16 -33.39
C MET A 274 -5.50 -9.95 -32.12
N SER A 275 -4.47 -9.63 -31.29
CA SER A 275 -4.26 -10.37 -30.03
C SER A 275 -5.46 -10.25 -29.11
N ASN A 276 -6.07 -9.04 -29.09
CA ASN A 276 -7.27 -8.79 -28.29
C ASN A 276 -8.42 -9.70 -28.75
N GLU A 277 -8.66 -9.79 -30.07
CA GLU A 277 -9.76 -10.62 -30.60
C GLU A 277 -9.48 -12.08 -30.34
N TYR A 278 -8.23 -12.52 -30.53
CA TYR A 278 -7.89 -13.94 -30.34
C TYR A 278 -8.08 -14.32 -28.88
N SER A 279 -7.68 -13.46 -27.94
CA SER A 279 -7.77 -13.78 -26.52
C SER A 279 -9.19 -13.87 -26.02
N LEU A 280 -10.09 -13.03 -26.55
CA LEU A 280 -11.48 -13.08 -26.16
C LEU A 280 -12.15 -14.33 -26.73
N PHE A 281 -11.81 -14.67 -27.97
CA PHE A 281 -12.29 -15.89 -28.62
C PHE A 281 -11.78 -17.15 -27.89
N ILE A 282 -10.45 -17.25 -27.64
CA ILE A 282 -9.81 -18.39 -26.99
C ILE A 282 -10.36 -18.55 -25.60
N THR A 283 -10.48 -17.45 -24.82
CA THR A 283 -11.01 -17.56 -23.46
C THR A 283 -12.39 -18.25 -23.42
N SER A 284 -13.32 -17.79 -24.28
CA SER A 284 -14.66 -18.35 -24.31
C SER A 284 -14.73 -19.73 -24.91
N ASP A 285 -13.88 -20.04 -25.89
CA ASP A 285 -13.87 -21.35 -26.51
C ASP A 285 -13.38 -22.39 -25.51
N HIS A 286 -12.29 -22.08 -24.81
CA HIS A 286 -11.71 -22.97 -23.81
C HIS A 286 -12.72 -23.19 -22.66
N LEU A 287 -13.30 -22.11 -22.15
CA LEU A 287 -14.26 -22.21 -21.05
C LEU A 287 -15.55 -22.93 -21.49
N ARG A 288 -16.05 -22.66 -22.71
CA ARG A 288 -17.24 -23.32 -23.22
C ARG A 288 -17.04 -24.82 -23.32
N GLN A 289 -15.84 -25.26 -23.74
CA GLN A 289 -15.56 -26.68 -23.87
C GLN A 289 -15.52 -27.36 -22.51
N MET A 290 -14.94 -26.71 -21.49
CA MET A 290 -14.88 -27.29 -20.16
C MET A 290 -16.24 -27.30 -19.47
N LEU A 291 -17.04 -26.26 -19.72
CA LEU A 291 -18.39 -26.15 -19.21
C LEU A 291 -19.30 -27.18 -19.90
N TYR A 292 -19.07 -27.44 -21.21
CA TYR A 292 -19.79 -28.48 -21.96
C TYR A 292 -19.51 -29.84 -21.29
N ASN A 293 -18.22 -30.12 -20.99
CA ASN A 293 -17.78 -31.32 -20.31
C ASN A 293 -18.44 -31.42 -18.94
N THR A 294 -18.51 -30.31 -18.21
CA THR A 294 -19.15 -30.28 -16.91
C THR A 294 -20.66 -30.61 -17.00
N PHE A 295 -21.39 -29.95 -17.92
CA PHE A 295 -22.85 -30.20 -18.13
C PHE A 295 -23.13 -31.67 -18.35
N TYR A 296 -22.41 -32.31 -19.28
CA TYR A 296 -22.62 -33.71 -19.58
C TYR A 296 -22.14 -34.66 -18.50
N SER A 297 -21.14 -34.28 -17.69
CA SER A 297 -20.71 -35.13 -16.58
C SER A 297 -21.81 -35.11 -15.50
N LYS A 298 -22.47 -33.95 -15.27
CA LYS A 298 -23.58 -33.84 -14.34
C LYS A 298 -24.81 -34.58 -14.89
N GLU A 299 -25.08 -34.45 -16.21
CA GLU A 299 -26.25 -35.08 -16.79
C GLU A 299 -26.16 -36.62 -16.74
N LYS A 300 -24.94 -37.20 -16.77
CA LYS A 300 -24.79 -38.65 -16.69
C LYS A 300 -25.18 -39.09 -15.29
N HIS A 301 -24.70 -38.38 -14.26
CA HIS A 301 -25.05 -38.73 -12.90
C HIS A 301 -26.53 -38.53 -12.64
N LEU A 302 -27.11 -37.43 -13.17
CA LEU A 302 -28.53 -37.16 -13.02
C LEU A 302 -29.36 -38.23 -13.71
N ASN A 303 -28.95 -38.66 -14.91
CA ASN A 303 -29.67 -39.70 -15.64
C ASN A 303 -29.56 -41.08 -14.94
N ASN A 304 -28.46 -41.32 -14.25
CA ASN A 304 -28.30 -42.51 -13.43
C ASN A 304 -29.34 -42.51 -12.29
N ILE A 305 -29.59 -41.34 -11.70
CA ILE A 305 -30.59 -41.18 -10.66
C ILE A 305 -32.01 -41.38 -11.25
N PHE A 306 -32.26 -40.93 -12.47
CA PHE A 306 -33.55 -41.11 -13.12
C PHE A 306 -33.81 -42.59 -13.35
N HIS A 307 -32.80 -43.31 -13.87
CA HIS A 307 -32.93 -44.73 -14.12
C HIS A 307 -33.15 -45.49 -12.80
N HIS A 308 -32.49 -45.07 -11.73
CA HIS A 308 -32.67 -45.71 -10.42
C HIS A 308 -34.11 -45.55 -9.95
N LEU A 309 -34.67 -44.34 -10.10
CA LEU A 309 -36.05 -44.08 -9.71
C LEU A 309 -37.07 -44.84 -10.54
N ILE A 310 -36.95 -44.77 -11.86
CA ILE A 310 -37.90 -45.37 -12.77
C ILE A 310 -37.79 -46.87 -12.86
N TYR A 311 -36.59 -47.40 -13.06
CA TYR A 311 -36.41 -48.84 -13.30
C TYR A 311 -35.85 -49.68 -12.15
N VAL A 312 -35.11 -49.12 -11.19
CA VAL A 312 -34.61 -49.93 -10.05
C VAL A 312 -35.71 -49.96 -9.00
N LEU A 313 -36.13 -48.78 -8.53
CA LEU A 313 -37.29 -48.63 -7.68
C LEU A 313 -38.41 -48.64 -8.75
N GLN A 314 -39.60 -49.20 -8.46
CA GLN A 314 -40.63 -49.26 -9.52
C GLN A 314 -41.16 -47.86 -9.82
N MET A 315 -41.62 -47.11 -8.80
CA MET A 315 -42.10 -45.73 -8.92
C MET A 315 -42.94 -45.43 -10.19
N GLN B 1 18.58 -1.20 -29.93
CA GLN B 1 18.49 -2.04 -28.73
C GLN B 1 18.42 -1.20 -27.44
N VAL B 2 17.93 -1.77 -26.33
CA VAL B 2 17.88 -1.07 -25.06
C VAL B 2 19.31 -0.92 -24.51
N GLN B 3 19.68 0.29 -24.13
CA GLN B 3 21.04 0.59 -23.65
C GLN B 3 20.97 1.29 -22.28
N LEU B 4 21.87 0.92 -21.37
CA LEU B 4 21.89 1.50 -20.04
C LEU B 4 23.20 2.21 -19.81
N GLN B 5 23.13 3.37 -19.16
CA GLN B 5 24.32 4.13 -18.88
C GLN B 5 24.30 4.70 -17.46
N GLU B 6 25.25 4.31 -16.63
CA GLU B 6 25.39 4.85 -15.28
C GLU B 6 26.04 6.23 -15.35
N SER B 7 25.73 7.10 -14.40
CA SER B 7 26.34 8.42 -14.27
C SER B 7 26.20 8.87 -12.83
N GLY B 8 27.11 9.75 -12.41
CA GLY B 8 27.14 10.26 -11.05
C GLY B 8 28.56 10.46 -10.55
N PRO B 9 28.71 10.89 -9.29
CA PRO B 9 30.06 11.12 -8.75
C PRO B 9 30.86 9.84 -8.56
N GLY B 10 32.11 9.90 -9.00
CA GLY B 10 33.05 8.79 -8.85
C GLY B 10 33.72 8.74 -7.48
N LEU B 11 33.66 9.84 -6.73
CA LEU B 11 34.25 9.90 -5.41
C LEU B 11 33.19 10.34 -4.43
N VAL B 12 32.98 9.57 -3.35
CA VAL B 12 31.96 9.89 -2.38
C VAL B 12 32.60 9.98 -1.00
N LYS B 13 32.34 11.05 -0.27
CA LYS B 13 32.85 11.20 1.09
C LYS B 13 31.98 10.38 2.01
N PRO B 14 32.52 9.85 3.13
CA PRO B 14 31.68 9.07 4.05
C PRO B 14 30.50 9.89 4.65
N SER B 15 30.57 11.23 4.58
CA SER B 15 29.49 12.10 5.05
C SER B 15 28.40 12.35 3.98
N GLU B 16 28.56 11.78 2.77
CA GLU B 16 27.60 11.95 1.68
C GLU B 16 26.93 10.60 1.31
N THR B 17 25.76 10.67 0.69
CA THR B 17 25.05 9.51 0.21
C THR B 17 25.62 9.18 -1.18
N LEU B 18 25.83 7.90 -1.47
CA LEU B 18 26.31 7.47 -2.78
C LEU B 18 25.05 7.51 -3.64
N SER B 19 25.06 8.34 -4.69
CA SER B 19 23.86 8.61 -5.48
C SER B 19 24.15 8.51 -6.98
N LEU B 20 23.64 7.47 -7.62
CA LEU B 20 23.89 7.23 -9.03
C LEU B 20 22.60 7.28 -9.85
N THR B 21 22.76 7.48 -11.16
CA THR B 21 21.67 7.54 -12.09
C THR B 21 21.93 6.57 -13.23
N CYS B 22 20.88 5.93 -13.74
CA CYS B 22 20.99 5.09 -14.91
C CYS B 22 20.02 5.66 -15.93
N THR B 23 20.53 6.07 -17.09
CA THR B 23 19.69 6.61 -18.13
C THR B 23 19.42 5.48 -19.08
N VAL B 24 18.14 5.22 -19.34
CA VAL B 24 17.77 4.12 -20.22
C VAL B 24 17.44 4.70 -21.58
N SER B 25 17.97 4.09 -22.63
CA SER B 25 17.66 4.53 -23.99
C SER B 25 17.28 3.29 -24.81
N GLY B 26 16.61 3.49 -25.92
CA GLY B 26 16.15 2.40 -26.78
C GLY B 26 14.91 1.68 -26.27
N GLY B 27 14.38 2.09 -25.11
CA GLY B 27 13.20 1.46 -24.54
C GLY B 27 12.76 2.11 -23.24
N PRO B 28 11.51 1.87 -22.81
CA PRO B 28 11.02 2.57 -21.61
C PRO B 28 11.30 1.85 -20.32
N ILE B 29 11.17 2.59 -19.19
CA ILE B 29 11.23 2.05 -17.83
C ILE B 29 10.07 1.08 -17.70
N SER B 30 8.86 1.57 -17.99
CA SER B 30 7.64 0.78 -18.04
C SER B 30 7.47 -0.05 -16.74
N SER B 31 7.10 -1.33 -16.86
CA SER B 31 6.90 -2.26 -15.75
C SER B 31 8.05 -3.26 -15.58
N TYR B 32 9.19 -3.02 -16.25
CA TYR B 32 10.37 -3.90 -16.16
C TYR B 32 11.10 -3.84 -14.81
N TYR B 33 12.13 -4.68 -14.64
CA TYR B 33 12.92 -4.73 -13.42
C TYR B 33 14.22 -3.95 -13.66
N TRP B 34 14.48 -2.97 -12.79
CA TRP B 34 15.62 -2.10 -12.94
C TRP B 34 16.54 -2.29 -11.75
N ASN B 35 17.63 -3.00 -12.01
CA ASN B 35 18.58 -3.44 -10.99
C ASN B 35 19.82 -2.57 -10.84
N TRP B 36 20.40 -2.64 -9.66
CA TRP B 36 21.70 -2.11 -9.33
C TRP B 36 22.47 -3.29 -8.76
N ILE B 37 23.65 -3.57 -9.32
CA ILE B 37 24.58 -4.65 -8.95
C ILE B 37 25.95 -3.99 -8.77
N ARG B 38 26.76 -4.45 -7.83
CA ARG B 38 28.09 -3.87 -7.64
C ARG B 38 29.17 -4.92 -7.54
N GLN B 39 30.42 -4.52 -7.77
CA GLN B 39 31.53 -5.43 -7.70
C GLN B 39 32.69 -4.74 -7.00
N PRO B 40 32.87 -4.98 -5.69
CA PRO B 40 34.04 -4.40 -4.99
C PRO B 40 35.34 -4.90 -5.63
N PRO B 41 36.40 -4.05 -5.70
CA PRO B 41 37.64 -4.49 -6.38
C PRO B 41 38.14 -5.83 -5.86
N GLY B 42 38.35 -6.77 -6.80
CA GLY B 42 38.78 -8.13 -6.49
C GLY B 42 37.72 -9.06 -5.91
N LYS B 43 36.57 -8.53 -5.47
CA LYS B 43 35.47 -9.32 -4.92
C LYS B 43 34.42 -9.70 -6.01
N GLY B 44 33.35 -10.41 -5.63
CA GLY B 44 32.34 -10.84 -6.58
C GLY B 44 31.21 -9.86 -6.83
N LEU B 45 30.24 -10.26 -7.66
CA LEU B 45 29.07 -9.44 -7.95
C LEU B 45 28.08 -9.53 -6.81
N GLU B 46 27.57 -8.38 -6.38
CA GLU B 46 26.60 -8.32 -5.30
C GLU B 46 25.37 -7.61 -5.81
N TRP B 47 24.21 -8.27 -5.75
CA TRP B 47 22.96 -7.67 -6.19
C TRP B 47 22.47 -6.76 -5.09
N ILE B 48 22.24 -5.48 -5.41
CA ILE B 48 21.77 -4.50 -4.45
C ILE B 48 20.23 -4.51 -4.35
N GLY B 49 19.57 -4.48 -5.49
CA GLY B 49 18.11 -4.53 -5.51
C GLY B 49 17.51 -4.15 -6.84
N HIS B 50 16.17 -4.16 -6.93
CA HIS B 50 15.51 -3.71 -8.16
C HIS B 50 14.17 -3.05 -7.88
N PHE B 51 13.82 -2.12 -8.75
CA PHE B 51 12.51 -1.48 -8.81
C PHE B 51 11.82 -2.25 -9.93
N TYR B 52 10.54 -2.60 -9.76
CA TYR B 52 9.84 -3.39 -10.77
C TYR B 52 8.33 -3.21 -10.75
N HIS B 53 7.67 -3.65 -11.83
CA HIS B 53 6.22 -3.57 -11.98
C HIS B 53 5.64 -2.19 -11.67
N SER B 54 6.34 -1.13 -12.14
CA SER B 54 5.90 0.25 -12.04
C SER B 54 5.66 0.77 -10.61
N GLY B 55 6.31 0.22 -9.59
CA GLY B 55 6.11 0.73 -8.23
C GLY B 55 6.66 -0.08 -7.10
N SER B 56 6.98 -1.37 -7.33
CA SER B 56 7.47 -2.21 -6.26
C SER B 56 9.00 -2.26 -6.20
N THR B 57 9.55 -2.67 -5.06
CA THR B 57 11.01 -2.85 -4.91
C THR B 57 11.34 -4.13 -4.13
N ASN B 58 12.46 -4.77 -4.45
CA ASN B 58 13.03 -5.88 -3.68
C ASN B 58 14.48 -5.44 -3.45
N TYR B 59 14.93 -5.42 -2.20
CA TYR B 59 16.31 -5.03 -1.88
C TYR B 59 17.01 -6.21 -1.27
N ASN B 60 18.34 -6.24 -1.39
CA ASN B 60 19.14 -7.26 -0.73
C ASN B 60 19.03 -7.00 0.79
N PRO B 61 18.68 -8.02 1.60
CA PRO B 61 18.55 -7.79 3.06
C PRO B 61 19.86 -7.30 3.70
N SER B 62 21.02 -7.54 3.07
CA SER B 62 22.29 -7.06 3.64
C SER B 62 22.38 -5.50 3.53
N LEU B 63 21.70 -4.89 2.54
CA LEU B 63 21.78 -3.45 2.31
C LEU B 63 20.46 -2.68 2.58
N LYS B 64 19.35 -3.40 2.71
CA LYS B 64 17.98 -2.92 2.86
C LYS B 64 17.83 -1.71 3.80
N SER B 65 18.54 -1.67 4.93
CA SER B 65 18.39 -0.53 5.85
C SER B 65 19.01 0.78 5.38
N ARG B 66 19.76 0.77 4.27
CA ARG B 66 20.39 2.00 3.78
C ARG B 66 20.29 2.14 2.26
N VAL B 67 19.26 1.54 1.62
CA VAL B 67 19.17 1.61 0.18
C VAL B 67 17.78 2.05 -0.31
N THR B 68 17.78 2.83 -1.39
CA THR B 68 16.58 3.26 -2.05
C THR B 68 16.84 3.14 -3.55
N ILE B 69 15.87 2.59 -4.29
CA ILE B 69 15.95 2.55 -5.74
C ILE B 69 14.65 3.16 -6.21
N SER B 70 14.73 4.21 -7.04
CA SER B 70 13.55 4.91 -7.52
C SER B 70 13.63 5.20 -9.02
N VAL B 71 12.53 5.64 -9.64
CA VAL B 71 12.53 5.96 -11.07
C VAL B 71 11.97 7.37 -11.33
N ASP B 72 12.22 7.89 -12.55
CA ASP B 72 11.60 9.11 -13.04
C ASP B 72 11.21 8.71 -14.45
N THR B 73 9.95 8.39 -14.67
CA THR B 73 9.49 7.90 -15.96
C THR B 73 9.51 8.99 -17.04
N SER B 74 9.45 10.28 -16.67
CA SER B 74 9.55 11.37 -17.65
C SER B 74 11.00 11.47 -18.19
N LYS B 75 11.98 11.22 -17.33
CA LYS B 75 13.39 11.23 -17.78
C LYS B 75 13.84 9.87 -18.28
N ASN B 76 13.05 8.80 -18.00
CA ASN B 76 13.37 7.41 -18.36
C ASN B 76 14.69 7.03 -17.67
N GLN B 77 14.75 7.31 -16.37
CA GLN B 77 15.94 7.04 -15.57
C GLN B 77 15.52 6.33 -14.29
N PHE B 78 16.46 5.64 -13.70
CA PHE B 78 16.28 5.07 -12.36
C PHE B 78 17.54 5.39 -11.54
N TYR B 79 17.39 5.41 -10.20
CA TYR B 79 18.40 5.91 -9.33
C TYR B 79 18.75 4.97 -8.20
N LEU B 80 19.98 5.09 -7.68
CA LEU B 80 20.44 4.33 -6.53
C LEU B 80 20.84 5.36 -5.49
N ASN B 81 20.38 5.20 -4.25
CA ASN B 81 20.80 6.03 -3.17
C ASN B 81 21.20 5.07 -2.05
N LEU B 82 22.51 5.04 -1.73
CA LEU B 82 23.10 4.16 -0.73
C LEU B 82 23.74 5.06 0.32
N SER B 83 23.23 5.00 1.53
CA SER B 83 23.70 5.85 2.62
C SER B 83 24.53 5.04 3.65
N SER B 84 24.97 5.68 4.75
CA SER B 84 25.87 5.09 5.77
C SER B 84 27.06 4.37 5.12
N VAL B 85 27.60 5.00 4.09
CA VAL B 85 28.63 4.49 3.20
C VAL B 85 30.01 4.51 3.85
N THR B 86 30.80 3.46 3.60
CA THR B 86 32.15 3.28 4.13
C THR B 86 33.02 2.79 2.97
N ALA B 87 34.36 2.67 3.16
CA ALA B 87 35.28 2.17 2.15
C ALA B 87 34.84 0.81 1.60
N ALA B 88 34.11 0.01 2.43
CA ALA B 88 33.57 -1.29 1.97
C ALA B 88 32.56 -1.16 0.80
N ASP B 89 32.01 0.05 0.58
CA ASP B 89 31.09 0.30 -0.53
C ASP B 89 31.78 0.75 -1.82
N SER B 90 33.13 0.81 -1.83
CA SER B 90 33.90 1.15 -3.04
C SER B 90 33.74 -0.06 -3.95
N ALA B 91 33.27 0.17 -5.17
CA ALA B 91 32.94 -0.90 -6.10
C ALA B 91 32.66 -0.32 -7.49
N VAL B 92 32.67 -1.17 -8.53
CA VAL B 92 32.18 -0.74 -9.82
C VAL B 92 30.64 -0.96 -9.67
N TYR B 93 29.84 0.06 -9.94
CA TYR B 93 28.38 -0.05 -9.87
C TYR B 93 27.79 -0.20 -11.24
N PHE B 94 26.96 -1.23 -11.40
CA PHE B 94 26.30 -1.50 -12.66
C PHE B 94 24.80 -1.33 -12.54
N CYS B 95 24.18 -0.70 -13.53
CA CYS B 95 22.73 -0.74 -13.62
C CYS B 95 22.41 -1.83 -14.66
N ALA B 96 21.29 -2.54 -14.45
CA ALA B 96 20.97 -3.67 -15.29
C ALA B 96 19.49 -3.84 -15.43
N ARG B 97 19.07 -4.25 -16.62
CA ARG B 97 17.67 -4.45 -16.96
C ARG B 97 17.31 -5.93 -16.87
N GLN B 98 16.10 -6.20 -16.37
CA GLN B 98 15.60 -7.56 -16.28
C GLN B 98 14.10 -7.52 -16.67
N VAL B 99 13.62 -8.52 -17.39
CA VAL B 99 12.23 -8.53 -17.86
C VAL B 99 11.29 -9.18 -16.87
N THR B 100 11.69 -10.34 -16.32
CA THR B 100 10.83 -11.07 -15.38
C THR B 100 11.62 -11.62 -14.19
N MET B 101 10.91 -12.04 -13.14
CA MET B 101 11.48 -12.84 -12.04
C MET B 101 11.16 -14.31 -12.31
N ILE B 102 10.06 -14.63 -13.07
CA ILE B 102 9.70 -16.00 -13.48
C ILE B 102 10.90 -16.66 -14.17
N GLN B 103 11.60 -15.91 -15.02
CA GLN B 103 12.83 -16.35 -15.68
C GLN B 103 13.84 -15.23 -15.40
N GLY B 104 14.35 -15.18 -14.17
CA GLY B 104 15.19 -14.12 -13.63
C GLY B 104 16.57 -13.88 -14.20
N LEU B 105 16.67 -13.72 -15.53
CA LEU B 105 17.92 -13.38 -16.16
C LEU B 105 18.01 -11.85 -16.31
N ILE B 106 19.23 -11.33 -16.39
CA ILE B 106 19.49 -9.91 -16.55
C ILE B 106 19.87 -9.76 -18.03
N ASP B 107 19.02 -9.15 -18.88
CA ASP B 107 19.31 -9.14 -20.31
C ASP B 107 20.08 -7.94 -20.83
N SER B 108 20.22 -6.87 -20.06
CA SER B 108 20.97 -5.69 -20.51
CA SER B 108 21.00 -5.72 -20.50
C SER B 108 21.77 -5.11 -19.35
N TRP B 109 23.09 -4.94 -19.50
CA TRP B 109 23.91 -4.37 -18.45
C TRP B 109 24.57 -3.09 -18.91
N GLY B 110 24.63 -2.13 -18.02
CA GLY B 110 25.44 -0.95 -18.27
C GLY B 110 26.92 -1.32 -18.20
N GLN B 111 27.79 -0.47 -18.74
CA GLN B 111 29.24 -0.72 -18.73
C GLN B 111 29.84 -0.74 -17.30
N GLY B 112 29.19 -0.04 -16.38
CA GLY B 112 29.63 0.05 -15.00
C GLY B 112 30.50 1.27 -14.76
N MET B 113 30.50 1.78 -13.54
CA MET B 113 31.31 2.94 -13.20
C MET B 113 31.90 2.77 -11.81
N LEU B 114 33.20 3.05 -11.67
CA LEU B 114 33.85 2.95 -10.39
C LEU B 114 33.39 4.05 -9.47
N VAL B 115 33.06 3.70 -8.23
CA VAL B 115 32.73 4.67 -7.22
C VAL B 115 33.64 4.35 -6.05
N THR B 116 34.52 5.28 -5.69
CA THR B 116 35.41 5.08 -4.56
C THR B 116 34.93 5.91 -3.40
N VAL B 117 34.78 5.29 -2.23
CA VAL B 117 34.40 5.96 -1.00
C VAL B 117 35.69 6.32 -0.24
N SER B 118 35.87 7.59 0.14
CA SER B 118 37.09 8.02 0.83
C SER B 118 37.08 7.79 2.37
N GLY B 133 23.44 -15.61 5.84
CA GLY B 133 23.16 -16.98 6.22
C GLY B 133 21.94 -17.55 5.52
N SER B 134 20.95 -16.69 5.28
CA SER B 134 19.73 -17.07 4.59
C SER B 134 19.94 -17.10 3.05
N ASP B 135 21.00 -16.44 2.56
CA ASP B 135 21.35 -16.29 1.15
C ASP B 135 21.68 -17.63 0.51
N ILE B 136 21.37 -17.80 -0.77
CA ILE B 136 21.78 -19.00 -1.48
C ILE B 136 23.17 -18.66 -1.97
N GLN B 137 24.15 -19.35 -1.43
CA GLN B 137 25.55 -19.11 -1.74
C GLN B 137 25.90 -19.86 -3.01
N MET B 138 26.43 -19.14 -4.02
CA MET B 138 26.86 -19.77 -5.26
C MET B 138 28.39 -19.96 -5.26
N THR B 139 28.85 -21.21 -5.15
CA THR B 139 30.26 -21.52 -5.14
C THR B 139 30.74 -21.79 -6.56
N GLN B 140 31.38 -20.80 -7.18
CA GLN B 140 31.89 -20.96 -8.54
C GLN B 140 33.37 -21.28 -8.52
N SER B 141 33.82 -22.22 -9.38
CA SER B 141 35.21 -22.64 -9.39
C SER B 141 35.64 -22.96 -10.83
N PRO B 142 36.89 -22.71 -11.22
CA PRO B 142 37.97 -22.09 -10.42
C PRO B 142 37.89 -20.54 -10.43
N SER B 143 38.68 -19.89 -9.59
CA SER B 143 38.73 -18.40 -9.55
C SER B 143 39.28 -17.88 -10.88
N SER B 144 40.29 -18.55 -11.41
CA SER B 144 40.91 -18.20 -12.68
C SER B 144 41.39 -19.47 -13.36
N LEU B 145 41.53 -19.40 -14.66
CA LEU B 145 41.86 -20.54 -15.48
C LEU B 145 42.69 -20.04 -16.63
N SER B 146 43.73 -20.80 -16.97
CA SER B 146 44.58 -20.46 -18.11
C SER B 146 44.64 -21.71 -18.97
N ALA B 147 44.24 -21.58 -20.24
CA ALA B 147 44.19 -22.73 -21.14
C ALA B 147 44.62 -22.38 -22.57
N SER B 148 44.95 -23.37 -23.40
CA SER B 148 45.33 -23.12 -24.78
C SER B 148 44.11 -23.07 -25.70
N VAL B 149 44.27 -22.52 -26.92
CA VAL B 149 43.20 -22.52 -27.93
C VAL B 149 42.93 -23.99 -28.31
N GLY B 150 41.66 -24.37 -28.35
CA GLY B 150 41.24 -25.74 -28.63
C GLY B 150 41.03 -26.59 -27.38
N ASP B 151 41.36 -26.06 -26.19
CA ASP B 151 41.21 -26.81 -24.95
C ASP B 151 39.78 -26.84 -24.46
N ARG B 152 39.42 -27.91 -23.75
CA ARG B 152 38.10 -28.02 -23.15
C ARG B 152 38.15 -27.28 -21.81
N VAL B 153 37.16 -26.46 -21.51
CA VAL B 153 37.13 -25.69 -20.28
C VAL B 153 35.84 -26.01 -19.57
N THR B 154 35.91 -26.34 -18.28
CA THR B 154 34.74 -26.64 -17.50
C THR B 154 34.78 -25.73 -16.29
N ILE B 155 33.75 -24.91 -16.13
CA ILE B 155 33.59 -24.00 -14.99
C ILE B 155 32.39 -24.49 -14.21
N THR B 156 32.51 -24.63 -12.90
CA THR B 156 31.41 -25.18 -12.12
C THR B 156 30.77 -24.15 -11.22
N CYS B 157 29.50 -24.38 -10.89
CA CYS B 157 28.76 -23.55 -9.98
C CYS B 157 28.00 -24.50 -9.04
N GLN B 158 28.22 -24.40 -7.72
CA GLN B 158 27.56 -25.26 -6.75
C GLN B 158 26.72 -24.41 -5.80
N ALA B 159 25.42 -24.65 -5.74
CA ALA B 159 24.53 -23.86 -4.90
C ALA B 159 24.38 -24.47 -3.52
N SER B 160 24.31 -23.63 -2.48
CA SER B 160 24.15 -24.12 -1.11
C SER B 160 22.77 -24.70 -0.81
N GLN B 161 21.79 -24.42 -1.67
CA GLN B 161 20.40 -24.85 -1.58
C GLN B 161 19.96 -25.31 -2.95
N ASP B 162 18.88 -26.13 -3.02
CA ASP B 162 18.37 -26.53 -4.33
C ASP B 162 17.85 -25.29 -5.08
N ILE B 163 18.27 -25.10 -6.33
CA ILE B 163 17.81 -23.98 -7.15
C ILE B 163 17.14 -24.47 -8.46
N ASN B 164 16.75 -25.75 -8.55
CA ASN B 164 16.14 -26.40 -9.72
C ASN B 164 16.91 -26.03 -11.01
N ASN B 165 16.29 -25.39 -12.02
CA ASN B 165 16.97 -24.95 -13.23
C ASN B 165 17.10 -23.41 -13.30
N SER B 166 16.97 -22.71 -12.14
CA SER B 166 17.00 -21.26 -12.09
C SER B 166 18.43 -20.71 -12.03
N LEU B 167 19.21 -21.01 -13.07
CA LEU B 167 20.61 -20.64 -13.11
C LEU B 167 20.99 -20.09 -14.47
N ASN B 168 21.71 -18.95 -14.48
CA ASN B 168 22.15 -18.31 -15.72
C ASN B 168 23.67 -18.10 -15.69
N TRP B 169 24.27 -17.90 -16.85
CA TRP B 169 25.71 -17.63 -17.00
C TRP B 169 25.89 -16.38 -17.82
N TYR B 170 26.85 -15.55 -17.41
CA TYR B 170 27.17 -14.29 -18.09
C TYR B 170 28.63 -14.30 -18.50
N GLN B 171 28.94 -13.55 -19.55
CA GLN B 171 30.28 -13.42 -20.06
C GLN B 171 30.65 -11.94 -20.04
N GLN B 172 31.83 -11.60 -19.54
CA GLN B 172 32.31 -10.24 -19.52
C GLN B 172 33.63 -10.20 -20.23
N LYS B 173 33.62 -9.88 -21.54
CA LYS B 173 34.85 -9.77 -22.32
C LYS B 173 35.68 -8.56 -21.83
N PRO B 174 37.01 -8.54 -22.05
CA PRO B 174 37.82 -7.41 -21.54
C PRO B 174 37.34 -6.04 -22.02
N GLY B 175 37.04 -5.18 -21.05
CA GLY B 175 36.59 -3.82 -21.32
C GLY B 175 35.19 -3.72 -21.87
N LYS B 176 34.39 -4.80 -21.75
CA LYS B 176 33.02 -4.78 -22.27
C LYS B 176 31.99 -4.96 -21.14
N ALA B 177 30.71 -4.75 -21.48
CA ALA B 177 29.64 -4.97 -20.54
C ALA B 177 29.39 -6.47 -20.38
N LEU B 178 28.82 -6.88 -19.24
CA LEU B 178 28.44 -8.28 -19.03
C LEU B 178 27.30 -8.60 -20.00
N LYS B 179 27.29 -9.81 -20.52
CA LYS B 179 26.25 -10.21 -21.46
C LYS B 179 25.75 -11.61 -21.13
N LEU B 180 24.46 -11.87 -21.40
CA LEU B 180 23.86 -13.16 -21.13
C LEU B 180 24.45 -14.17 -22.08
N LEU B 181 24.89 -15.29 -21.53
CA LEU B 181 25.48 -16.34 -22.35
C LEU B 181 24.55 -17.55 -22.38
N ILE B 182 24.13 -18.00 -21.20
CA ILE B 182 23.27 -19.16 -21.06
C ILE B 182 22.21 -18.88 -20.00
N TYR B 183 20.95 -19.26 -20.26
CA TYR B 183 19.87 -19.07 -19.31
C TYR B 183 19.18 -20.38 -19.03
N ASP B 184 18.62 -20.53 -17.81
CA ASP B 184 17.93 -21.75 -17.40
C ASP B 184 18.75 -23.00 -17.65
N VAL B 185 19.99 -22.97 -17.13
CA VAL B 185 20.99 -24.03 -17.10
C VAL B 185 21.64 -24.31 -18.45
N SER B 186 20.84 -24.59 -19.47
CA SER B 186 21.40 -25.06 -20.74
C SER B 186 20.99 -24.33 -21.97
N ASN B 187 20.22 -23.24 -21.86
CA ASN B 187 19.74 -22.56 -23.08
C ASN B 187 20.69 -21.48 -23.54
N LEU B 188 21.11 -21.54 -24.79
CA LEU B 188 22.05 -20.54 -25.32
C LEU B 188 21.34 -19.29 -25.72
N GLU B 189 21.92 -18.16 -25.33
CA GLU B 189 21.42 -16.87 -25.76
C GLU B 189 21.69 -16.74 -27.28
N THR B 190 20.81 -16.04 -28.00
CA THR B 190 20.93 -15.80 -29.45
C THR B 190 22.34 -15.27 -29.82
N GLY B 191 22.96 -15.88 -30.81
CA GLY B 191 24.28 -15.49 -31.27
C GLY B 191 25.43 -16.20 -30.60
N VAL B 192 25.20 -16.89 -29.45
CA VAL B 192 26.26 -17.58 -28.72
C VAL B 192 26.67 -18.83 -29.51
N PRO B 193 27.98 -19.03 -29.74
CA PRO B 193 28.42 -20.21 -30.53
C PRO B 193 28.18 -21.54 -29.85
N SER B 194 27.98 -22.59 -30.66
CA SER B 194 27.65 -23.95 -30.22
C SER B 194 28.73 -24.63 -29.36
N ARG B 195 29.96 -24.09 -29.32
CA ARG B 195 31.00 -24.62 -28.45
C ARG B 195 30.69 -24.37 -26.96
N PHE B 196 29.75 -23.46 -26.64
CA PHE B 196 29.31 -23.26 -25.27
C PHE B 196 28.13 -24.16 -25.00
N SER B 197 28.06 -24.68 -23.78
CA SER B 197 26.93 -25.46 -23.33
C SER B 197 26.87 -25.38 -21.81
N GLY B 198 25.72 -25.68 -21.25
CA GLY B 198 25.53 -25.64 -19.81
C GLY B 198 24.85 -26.89 -19.37
N GLU B 199 25.21 -27.40 -18.19
CA GLU B 199 24.65 -28.63 -17.65
C GLU B 199 24.35 -28.48 -16.18
N GLY B 200 23.61 -29.44 -15.62
CA GLY B 200 23.35 -29.45 -14.19
C GLY B 200 21.90 -29.42 -13.81
N SER B 201 21.64 -29.55 -12.52
CA SER B 201 20.30 -29.52 -11.94
C SER B 201 20.43 -29.51 -10.43
N GLY B 202 19.47 -28.92 -9.76
CA GLY B 202 19.45 -28.92 -8.30
C GLY B 202 20.48 -28.04 -7.67
N THR B 203 21.64 -28.59 -7.41
CA THR B 203 22.72 -27.86 -6.74
C THR B 203 24.04 -27.88 -7.51
N ASP B 204 24.14 -28.65 -8.60
CA ASP B 204 25.40 -28.80 -9.31
C ASP B 204 25.25 -28.34 -10.73
N PHE B 205 26.09 -27.41 -11.17
CA PHE B 205 25.99 -26.86 -12.53
C PHE B 205 27.36 -26.67 -13.16
N SER B 206 27.42 -26.71 -14.49
CA SER B 206 28.67 -26.52 -15.19
C SER B 206 28.44 -25.73 -16.48
N LEU B 207 29.41 -24.90 -16.83
CA LEU B 207 29.47 -24.18 -18.09
C LEU B 207 30.65 -24.80 -18.81
N ILE B 208 30.45 -25.28 -20.03
CA ILE B 208 31.52 -25.97 -20.76
C ILE B 208 31.83 -25.25 -22.07
N ILE B 209 33.12 -25.00 -22.32
CA ILE B 209 33.55 -24.46 -23.60
C ILE B 209 34.26 -25.66 -24.19
N SER B 210 33.69 -26.27 -25.22
CA SER B 210 34.25 -27.49 -25.79
C SER B 210 35.63 -27.27 -26.42
N SER B 211 35.85 -26.12 -27.03
CA SER B 211 37.09 -25.82 -27.70
C SER B 211 37.36 -24.32 -27.58
N LEU B 212 38.19 -23.93 -26.60
CA LEU B 212 38.46 -22.53 -26.29
C LEU B 212 39.01 -21.75 -27.49
N GLN B 213 38.42 -20.59 -27.76
CA GLN B 213 38.85 -19.73 -28.86
C GLN B 213 39.36 -18.40 -28.30
N PRO B 214 40.23 -17.68 -29.03
CA PRO B 214 40.72 -16.38 -28.52
C PRO B 214 39.62 -15.41 -28.11
N GLU B 215 38.46 -15.43 -28.81
CA GLU B 215 37.36 -14.52 -28.46
C GLU B 215 36.67 -14.88 -27.13
N ASP B 216 36.98 -16.06 -26.56
CA ASP B 216 36.37 -16.51 -25.30
C ASP B 216 37.07 -16.02 -24.05
N ILE B 217 38.19 -15.27 -24.19
CA ILE B 217 38.91 -14.66 -23.05
C ILE B 217 37.94 -13.67 -22.42
N ALA B 218 37.55 -13.91 -21.19
CA ALA B 218 36.53 -13.11 -20.52
C ALA B 218 36.46 -13.58 -19.05
N THR B 219 35.68 -12.89 -18.20
CA THR B 219 35.37 -13.39 -16.87
C THR B 219 33.91 -13.92 -16.99
N TYR B 220 33.65 -15.11 -16.47
CA TYR B 220 32.31 -15.74 -16.53
C TYR B 220 31.69 -15.76 -15.13
N TYR B 221 30.37 -15.63 -15.03
CA TYR B 221 29.69 -15.62 -13.72
C TYR B 221 28.43 -16.44 -13.78
N CYS B 222 28.14 -17.23 -12.75
CA CYS B 222 26.86 -17.92 -12.67
C CYS B 222 25.91 -17.07 -11.78
N GLN B 223 24.60 -17.25 -11.91
CA GLN B 223 23.63 -16.48 -11.15
C GLN B 223 22.36 -17.27 -10.95
N GLN B 224 21.85 -17.26 -9.74
CA GLN B 224 20.67 -17.96 -9.31
C GLN B 224 19.49 -16.96 -9.19
N TYR B 225 18.27 -17.42 -9.53
CA TYR B 225 17.04 -16.63 -9.32
C TYR B 225 15.93 -17.41 -8.61
N GLU B 226 16.24 -18.59 -8.05
CA GLU B 226 15.31 -19.41 -7.30
C GLU B 226 14.75 -18.65 -6.08
N ALA B 227 15.58 -17.83 -5.44
CA ALA B 227 15.14 -17.03 -4.30
C ALA B 227 15.84 -15.68 -4.25
N LEU B 228 15.20 -14.71 -3.59
CA LEU B 228 15.80 -13.41 -3.37
C LEU B 228 16.51 -13.47 -2.01
N PRO B 229 17.66 -12.77 -1.87
CA PRO B 229 18.30 -11.91 -2.87
C PRO B 229 18.87 -12.70 -4.02
N LEU B 230 18.96 -12.08 -5.20
CA LEU B 230 19.63 -12.72 -6.33
C LEU B 230 21.13 -12.79 -5.95
N THR B 231 21.79 -13.92 -6.26
CA THR B 231 23.20 -14.09 -5.92
C THR B 231 23.95 -14.64 -7.10
N PHE B 232 25.22 -14.32 -7.16
CA PHE B 232 26.12 -14.67 -8.24
C PHE B 232 27.30 -15.47 -7.71
N GLY B 233 27.94 -16.24 -8.60
CA GLY B 233 29.18 -16.91 -8.25
C GLY B 233 30.29 -15.87 -8.19
N GLY B 234 31.40 -16.20 -7.56
CA GLY B 234 32.53 -15.29 -7.45
C GLY B 234 33.22 -14.95 -8.75
N GLY B 235 32.92 -15.69 -9.82
CA GLY B 235 33.48 -15.43 -11.13
C GLY B 235 34.64 -16.32 -11.50
N THR B 236 34.92 -16.43 -12.80
CA THR B 236 36.01 -17.24 -13.31
C THR B 236 36.67 -16.50 -14.45
N LYS B 237 37.93 -16.07 -14.25
CA LYS B 237 38.64 -15.35 -15.30
C LYS B 237 39.30 -16.38 -16.18
N VAL B 238 39.01 -16.35 -17.47
CA VAL B 238 39.57 -17.30 -18.42
C VAL B 238 40.58 -16.57 -19.31
N GLU B 239 41.79 -17.09 -19.42
CA GLU B 239 42.84 -16.49 -20.24
C GLU B 239 43.58 -17.53 -21.09
N ILE B 240 44.26 -17.10 -22.16
CA ILE B 240 45.02 -18.02 -23.02
C ILE B 240 46.47 -18.17 -22.51
N LYS B 241 47.00 -19.41 -22.41
CA LYS B 241 48.38 -19.60 -21.96
C LYS B 241 49.37 -19.75 -23.12
N ASN C 17 -11.02 2.28 2.96
CA ASN C 17 -10.73 3.42 2.10
C ASN C 17 -11.53 4.64 2.52
N ILE C 18 -10.85 5.73 2.93
CA ILE C 18 -11.51 6.96 3.35
C ILE C 18 -12.32 7.62 2.22
N ALA C 19 -12.10 7.24 0.94
CA ALA C 19 -12.83 7.74 -0.23
C ALA C 19 -14.32 7.39 -0.17
N ASN C 20 -14.70 6.31 0.53
CA ASN C 20 -16.11 5.93 0.70
C ASN C 20 -16.67 6.37 2.09
N SER C 21 -15.93 7.21 2.83
CA SER C 21 -16.35 7.63 4.17
C SER C 21 -16.24 9.14 4.34
N ILE C 22 -16.63 9.88 3.31
CA ILE C 22 -16.60 11.32 3.32
C ILE C 22 -18.03 11.86 3.16
N ASP C 23 -18.46 12.75 4.04
CA ASP C 23 -19.77 13.39 3.90
C ASP C 23 -19.54 14.82 3.33
N ILE C 24 -20.40 15.26 2.41
CA ILE C 24 -20.28 16.59 1.82
C ILE C 24 -21.37 17.49 2.40
N LEU C 25 -20.99 18.69 2.81
CA LEU C 25 -21.95 19.61 3.41
C LEU C 25 -22.01 20.91 2.61
N GLN C 26 -23.23 21.48 2.50
CA GLN C 26 -23.47 22.74 1.83
C GLN C 26 -24.47 23.49 2.72
N GLU C 27 -24.01 23.89 3.91
CA GLU C 27 -24.82 24.54 4.96
C GLU C 27 -25.47 25.85 4.55
N LYS C 28 -24.86 26.56 3.63
CA LYS C 28 -25.38 27.82 3.11
C LYS C 28 -25.08 27.90 1.61
N GLU C 29 -25.82 28.73 0.90
CA GLU C 29 -25.63 28.92 -0.54
C GLU C 29 -24.21 29.37 -0.86
N GLY C 30 -23.57 28.76 -1.85
CA GLY C 30 -22.21 29.10 -2.24
C GLY C 30 -21.11 28.55 -1.36
N HIS C 31 -21.47 27.76 -0.35
CA HIS C 31 -20.53 27.16 0.57
C HIS C 31 -20.54 25.64 0.46
N LEU C 32 -19.38 25.01 0.63
CA LEU C 32 -19.23 23.56 0.59
C LEU C 32 -18.07 23.17 1.49
N ASP C 33 -18.25 22.10 2.28
CA ASP C 33 -17.19 21.55 3.10
C ASP C 33 -17.31 20.02 3.08
N PHE C 34 -16.31 19.33 3.57
CA PHE C 34 -16.32 17.89 3.61
C PHE C 34 -15.86 17.43 4.98
N VAL C 35 -16.27 16.24 5.38
CA VAL C 35 -15.82 15.64 6.62
C VAL C 35 -15.40 14.22 6.30
N ILE C 36 -14.15 13.85 6.63
CA ILE C 36 -13.71 12.48 6.51
C ILE C 36 -14.16 11.86 7.84
N ILE C 37 -15.27 11.15 7.82
CA ILE C 37 -15.94 10.57 9.00
C ILE C 37 -15.00 9.80 9.95
N PRO C 38 -14.16 8.83 9.52
CA PRO C 38 -13.28 8.14 10.50
C PRO C 38 -12.23 9.07 11.12
N HIS C 39 -11.82 10.16 10.43
CA HIS C 39 -10.88 11.10 11.03
C HIS C 39 -11.60 11.89 12.11
N TYR C 40 -12.85 12.31 11.86
CA TYR C 40 -13.62 13.08 12.84
C TYR C 40 -13.85 12.23 14.08
N THR C 41 -14.22 10.96 13.89
CA THR C 41 -14.43 10.06 15.05
C THR C 41 -13.13 9.81 15.81
N PHE C 42 -12.03 9.56 15.09
CA PHE C 42 -10.71 9.31 15.69
C PHE C 42 -10.26 10.50 16.55
N LEU C 43 -10.33 11.73 16.01
CA LEU C 43 -9.94 12.91 16.75
C LEU C 43 -10.79 13.16 17.95
N ASP C 44 -12.10 12.91 17.82
CA ASP C 44 -13.03 13.13 18.91
C ASP C 44 -12.81 12.12 20.04
N TYR C 45 -12.51 10.87 19.68
CA TYR C 45 -12.21 9.78 20.62
C TYR C 45 -11.03 10.14 21.51
N TYR C 46 -9.92 10.63 20.91
CA TYR C 46 -8.74 11.01 21.69
C TYR C 46 -8.93 12.31 22.50
N LYS C 47 -9.90 13.13 22.14
CA LYS C 47 -10.24 14.33 22.91
C LYS C 47 -10.92 13.86 24.21
N HIS C 48 -11.88 12.94 24.14
CA HIS C 48 -12.53 12.40 25.34
C HIS C 48 -11.51 11.67 26.23
N LEU C 49 -10.56 10.97 25.61
CA LEU C 49 -9.51 10.26 26.33
C LEU C 49 -8.59 11.22 27.09
N SER C 50 -8.25 12.35 26.45
CA SER C 50 -7.40 13.36 27.07
C SER C 50 -8.12 13.99 28.26
N TYR C 51 -9.43 14.34 28.13
CA TYR C 51 -10.12 15.00 29.26
C TYR C 51 -10.38 14.03 30.38
N ASN C 52 -10.72 12.77 30.09
CA ASN C 52 -10.90 11.78 31.18
C ASN C 52 -9.59 11.58 31.94
N SER C 53 -8.46 11.55 31.21
CA SER C 53 -7.15 11.34 31.85
C SER C 53 -6.73 12.44 32.84
N ILE C 54 -7.17 13.69 32.61
CA ILE C 54 -6.81 14.77 33.50
C ILE C 54 -7.86 15.03 34.59
N TYR C 55 -9.12 14.58 34.37
CA TYR C 55 -10.15 14.76 35.41
C TYR C 55 -10.22 13.59 36.42
N HIS C 56 -9.46 12.52 36.16
CA HIS C 56 -9.41 11.38 37.06
C HIS C 56 -8.91 11.78 38.45
N LYS C 57 -7.87 12.63 38.49
CA LYS C 57 -7.27 13.06 39.73
C LYS C 57 -7.46 14.56 39.89
N SER C 58 -7.76 15.01 41.12
CA SER C 58 -8.00 16.41 41.38
C SER C 58 -6.82 17.32 41.01
N SER C 59 -5.61 16.88 41.30
CA SER C 59 -4.41 17.66 41.04
C SER C 59 -4.11 17.88 39.54
N THR C 60 -4.74 17.12 38.63
CA THR C 60 -4.47 17.35 37.20
C THR C 60 -5.57 18.15 36.48
N TYR C 61 -6.57 18.69 37.22
CA TYR C 61 -7.65 19.44 36.58
C TYR C 61 -7.15 20.63 35.79
N GLY C 62 -6.11 21.30 36.30
CA GLY C 62 -5.56 22.49 35.66
C GLY C 62 -4.99 22.26 34.28
N LYS C 63 -4.74 20.99 33.92
CA LYS C 63 -4.22 20.67 32.60
C LYS C 63 -5.23 20.91 31.48
N TYR C 64 -6.52 21.18 31.80
CA TYR C 64 -7.53 21.41 30.78
C TYR C 64 -7.19 22.58 29.85
N ILE C 65 -6.53 23.64 30.36
CA ILE C 65 -6.12 24.79 29.53
C ILE C 65 -5.18 24.31 28.41
N ALA C 66 -4.25 23.42 28.76
CA ALA C 66 -3.27 22.86 27.83
C ALA C 66 -3.95 21.93 26.83
N VAL C 67 -4.86 21.08 27.31
CA VAL C 67 -5.60 20.18 26.42
C VAL C 67 -6.43 21.00 25.41
N ASP C 68 -7.12 22.04 25.88
CA ASP C 68 -7.93 22.91 25.02
C ASP C 68 -7.04 23.53 23.90
N ALA C 69 -5.84 24.04 24.28
CA ALA C 69 -4.94 24.70 23.36
C ALA C 69 -4.37 23.72 22.35
N PHE C 70 -4.01 22.53 22.81
CA PHE C 70 -3.48 21.50 21.92
C PHE C 70 -4.56 21.06 20.89
N ILE C 71 -5.81 20.86 21.33
CA ILE C 71 -6.87 20.49 20.40
C ILE C 71 -7.04 21.56 19.29
N LYS C 72 -6.95 22.86 19.65
CA LYS C 72 -7.03 23.92 18.65
C LYS C 72 -5.88 23.82 17.63
N LYS C 73 -4.66 23.44 18.10
CA LYS C 73 -3.49 23.30 17.22
C LYS C 73 -3.71 22.20 16.19
N ILE C 74 -4.32 21.09 16.64
CA ILE C 74 -4.74 19.94 15.82
C ILE C 74 -5.75 20.43 14.78
N ASN C 75 -6.81 21.13 15.22
CA ASN C 75 -7.88 21.61 14.33
C ASN C 75 -7.33 22.56 13.27
N GLU C 76 -6.37 23.43 13.64
CA GLU C 76 -5.72 24.37 12.73
C GLU C 76 -4.84 23.66 11.72
N ALA C 77 -4.13 22.62 12.15
CA ALA C 77 -3.23 21.90 11.23
C ALA C 77 -4.08 21.08 10.25
N TYR C 78 -5.14 20.45 10.75
CA TYR C 78 -6.07 19.66 9.95
C TYR C 78 -6.72 20.55 8.88
N ASP C 79 -7.23 21.72 9.29
CA ASP C 79 -7.85 22.66 8.36
C ASP C 79 -6.89 23.16 7.29
N LYS C 80 -5.61 23.28 7.63
CA LYS C 80 -4.58 23.72 6.70
C LYS C 80 -4.38 22.65 5.62
N VAL C 81 -4.39 21.35 5.99
CA VAL C 81 -4.31 20.27 5.00
C VAL C 81 -5.59 20.27 4.14
N LYS C 82 -6.75 20.46 4.77
CA LYS C 82 -8.02 20.54 4.03
C LYS C 82 -8.01 21.68 2.99
N SER C 83 -7.41 22.83 3.35
CA SER C 83 -7.33 23.99 2.46
C SER C 83 -6.49 23.77 1.21
N LYS C 84 -5.72 22.69 1.15
CA LYS C 84 -4.96 22.37 -0.06
C LYS C 84 -5.86 21.92 -1.23
N CYS C 85 -7.10 21.53 -0.92
CA CYS C 85 -8.14 21.14 -1.86
C CYS C 85 -9.10 22.28 -2.18
N ASN C 86 -8.84 23.52 -1.72
CA ASN C 86 -9.73 24.65 -1.92
C ASN C 86 -10.01 25.02 -3.38
N ASP C 87 -9.03 24.96 -4.28
CA ASP C 87 -9.29 25.34 -5.69
C ASP C 87 -10.23 24.33 -6.36
N ILE C 88 -10.00 23.05 -6.06
CA ILE C 88 -10.81 21.96 -6.59
C ILE C 88 -12.22 21.96 -5.98
N LYS C 89 -12.31 22.32 -4.68
CA LYS C 89 -13.58 22.41 -3.98
C LYS C 89 -14.38 23.58 -4.54
N ASN C 90 -13.71 24.73 -4.79
CA ASN C 90 -14.36 25.91 -5.37
C ASN C 90 -14.87 25.69 -6.78
N ASP C 91 -14.22 24.79 -7.53
CA ASP C 91 -14.65 24.45 -8.88
C ASP C 91 -15.94 23.61 -8.82
N LEU C 92 -16.06 22.75 -7.78
CA LEU C 92 -17.24 21.94 -7.54
C LEU C 92 -18.39 22.85 -7.14
N ILE C 93 -18.13 23.88 -6.30
CA ILE C 93 -19.14 24.88 -5.90
C ILE C 93 -19.68 25.61 -7.13
N ALA C 94 -18.77 25.98 -8.04
CA ALA C 94 -19.16 26.67 -9.27
C ALA C 94 -20.09 25.78 -10.13
N THR C 95 -19.78 24.48 -10.23
CA THR C 95 -20.59 23.55 -11.03
C THR C 95 -21.98 23.36 -10.44
N ILE C 96 -22.07 23.18 -9.10
CA ILE C 96 -23.34 23.04 -8.39
C ILE C 96 -24.20 24.28 -8.61
N LYS C 97 -23.60 25.46 -8.47
CA LYS C 97 -24.28 26.75 -8.66
C LYS C 97 -24.84 26.89 -10.09
N LYS C 98 -24.10 26.44 -11.10
CA LYS C 98 -24.56 26.50 -12.49
C LYS C 98 -25.73 25.53 -12.70
N LEU C 99 -25.62 24.31 -12.15
CA LEU C 99 -26.65 23.28 -12.27
C LEU C 99 -27.94 23.60 -11.50
N GLU C 100 -27.84 24.39 -10.45
CA GLU C 100 -28.99 24.77 -9.64
C GLU C 100 -29.66 26.07 -10.10
N HIS C 101 -29.08 26.75 -11.10
CA HIS C 101 -29.63 27.95 -11.69
C HIS C 101 -30.56 27.44 -12.78
N PRO C 102 -31.86 27.71 -12.67
CA PRO C 102 -32.83 27.15 -13.63
C PRO C 102 -32.75 27.69 -15.05
N LYS C 113 -26.84 17.73 -19.62
CA LYS C 113 -26.18 16.50 -19.22
C LYS C 113 -24.66 16.58 -19.31
N LYS C 114 -24.11 17.54 -20.09
CA LYS C 114 -22.65 17.74 -20.12
C LYS C 114 -22.23 18.36 -18.78
N MET C 115 -23.03 19.30 -18.27
CA MET C 115 -22.83 19.93 -16.97
C MET C 115 -23.05 18.88 -15.87
N MET C 116 -24.08 18.02 -16.01
CA MET C 116 -24.41 16.96 -15.06
C MET C 116 -23.30 15.89 -14.97
N ASP C 117 -22.71 15.52 -16.10
CA ASP C 117 -21.56 14.60 -16.09
C ASP C 117 -20.34 15.28 -15.43
N GLU C 118 -20.30 16.61 -15.41
CA GLU C 118 -19.26 17.37 -14.74
C GLU C 118 -19.53 17.49 -13.23
N TYR C 119 -20.73 17.15 -12.70
CA TYR C 119 -20.93 17.21 -11.25
C TYR C 119 -20.16 16.03 -10.64
N ASN C 120 -20.39 14.84 -11.17
CA ASN C 120 -19.74 13.62 -10.70
C ASN C 120 -18.23 13.62 -10.98
N THR C 121 -17.79 14.31 -12.04
CA THR C 121 -16.38 14.44 -12.38
C THR C 121 -15.70 15.44 -11.44
N LYS C 122 -16.36 16.57 -11.15
CA LYS C 122 -15.80 17.57 -10.23
C LYS C 122 -15.75 17.03 -8.80
N LYS C 123 -16.75 16.26 -8.40
CA LYS C 123 -16.82 15.66 -7.07
C LYS C 123 -15.70 14.59 -6.93
N LYS C 124 -15.41 13.84 -8.01
CA LYS C 124 -14.37 12.82 -8.05
C LYS C 124 -12.99 13.45 -7.83
N LYS C 125 -12.75 14.62 -8.43
CA LYS C 125 -11.50 15.33 -8.31
C LYS C 125 -11.28 15.80 -6.87
N LEU C 126 -12.35 16.23 -6.18
CA LEU C 126 -12.24 16.67 -4.80
C LEU C 126 -11.87 15.48 -3.92
N ILE C 127 -12.53 14.34 -4.12
CA ILE C 127 -12.24 13.12 -3.37
C ILE C 127 -10.82 12.62 -3.64
N LYS C 128 -10.34 12.78 -4.88
CA LYS C 128 -8.98 12.40 -5.24
C LYS C 128 -7.97 13.30 -4.54
N CYS C 129 -8.26 14.61 -4.45
CA CYS C 129 -7.41 15.58 -3.75
C CYS C 129 -7.32 15.19 -2.27
N ILE C 130 -8.45 14.82 -1.67
CA ILE C 130 -8.49 14.38 -0.28
C ILE C 130 -7.65 13.13 -0.08
N LYS C 131 -7.83 12.11 -0.94
CA LYS C 131 -7.03 10.88 -0.89
C LYS C 131 -5.53 11.17 -1.04
N ASN C 132 -5.17 12.13 -1.90
CA ASN C 132 -3.77 12.53 -2.12
C ASN C 132 -3.12 13.12 -0.87
N HIS C 133 -3.91 13.64 0.07
CA HIS C 133 -3.39 14.21 1.30
C HIS C 133 -3.59 13.31 2.52
N GLU C 134 -3.94 12.03 2.32
CA GLU C 134 -4.17 11.10 3.42
C GLU C 134 -2.99 11.03 4.40
N ASN C 135 -1.75 10.95 3.91
CA ASN C 135 -0.58 10.92 4.78
C ASN C 135 -0.49 12.16 5.69
N ASP C 136 -0.76 13.35 5.14
CA ASP C 136 -0.74 14.61 5.88
C ASP C 136 -1.80 14.59 7.00
N PHE C 137 -3.02 14.10 6.70
CA PHE C 137 -4.08 14.01 7.68
C PHE C 137 -3.72 12.97 8.74
N ASN C 138 -3.17 11.82 8.32
CA ASN C 138 -2.78 10.73 9.21
C ASN C 138 -1.73 11.17 10.21
N LYS C 139 -0.74 12.02 9.81
CA LYS C 139 0.30 12.46 10.76
C LYS C 139 -0.34 13.26 11.89
N ILE C 140 -1.33 14.12 11.55
CA ILE C 140 -2.03 14.95 12.52
C ILE C 140 -2.84 14.08 13.45
N CYS C 141 -3.59 13.10 12.88
CA CYS C 141 -4.40 12.16 13.66
C CYS C 141 -3.52 11.39 14.64
N MET C 142 -2.38 10.92 14.16
CA MET C 142 -1.45 10.17 15.00
C MET C 142 -0.86 11.00 16.14
N ASP C 143 -0.66 12.31 15.93
CA ASP C 143 -0.24 13.19 17.01
C ASP C 143 -1.32 13.39 18.05
N MET C 144 -2.59 13.51 17.62
CA MET C 144 -3.72 13.63 18.56
C MET C 144 -3.85 12.32 19.36
N LYS C 145 -3.65 11.16 18.70
CA LYS C 145 -3.69 9.86 19.36
C LYS C 145 -2.58 9.81 20.44
N ASN C 146 -1.36 10.18 20.08
CA ASN C 146 -0.22 10.21 21.02
C ASN C 146 -0.50 11.14 22.19
N TYR C 147 -1.08 12.31 21.93
CA TYR C 147 -1.40 13.26 23.00
C TYR C 147 -2.37 12.65 24.01
N GLY C 148 -3.44 12.05 23.52
CA GLY C 148 -4.47 11.42 24.34
C GLY C 148 -3.95 10.21 25.10
N THR C 149 -3.24 9.32 24.39
CA THR C 149 -2.68 8.12 25.03
C THR C 149 -1.56 8.46 26.01
N ASN C 150 -0.80 9.56 25.77
CA ASN C 150 0.28 9.97 26.71
C ASN C 150 -0.32 10.33 28.06
N LEU C 151 -1.46 11.04 28.03
CA LEU C 151 -2.16 11.45 29.25
C LEU C 151 -2.78 10.23 29.92
N PHE C 152 -3.34 9.32 29.12
CA PHE C 152 -3.99 8.11 29.58
C PHE C 152 -3.02 7.21 30.33
N GLU C 153 -1.80 7.06 29.79
CA GLU C 153 -0.75 6.25 30.41
C GLU C 153 -0.23 6.87 31.72
N GLN C 154 -0.41 8.18 31.93
CA GLN C 154 -0.03 8.85 33.17
C GLN C 154 -1.07 8.69 34.28
N LEU C 155 -2.29 8.24 33.97
CA LEU C 155 -3.37 8.10 34.93
C LEU C 155 -2.96 7.19 36.07
N SER C 156 -3.23 7.61 37.30
CA SER C 156 -2.83 6.81 38.45
C SER C 156 -3.85 6.79 39.58
N CYS C 157 -3.77 5.76 40.41
CA CYS C 157 -4.63 5.58 41.60
C CYS C 157 -3.73 5.33 42.81
N TYR C 158 -4.16 5.76 44.02
CA TYR C 158 -3.41 5.46 45.24
C TYR C 158 -3.46 3.95 45.49
N ASN C 159 -4.57 3.27 45.15
CA ASN C 159 -4.75 1.83 45.31
C ASN C 159 -5.36 1.32 44.01
N ASN C 160 -4.61 0.56 43.21
CA ASN C 160 -5.08 0.11 41.89
C ASN C 160 -6.24 -0.88 41.93
N ASN C 161 -6.65 -1.35 43.11
CA ASN C 161 -7.81 -2.19 43.21
C ASN C 161 -9.09 -1.36 43.53
N PHE C 162 -8.92 -0.07 43.88
CA PHE C 162 -10.00 0.83 44.24
C PHE C 162 -9.82 2.22 43.59
N CYS C 163 -9.68 2.29 42.25
CA CYS C 163 -9.59 3.55 41.51
C CYS C 163 -10.89 4.31 41.55
N ASN C 164 -10.82 5.64 41.65
CA ASN C 164 -12.00 6.49 41.64
C ASN C 164 -12.52 6.63 40.21
N THR C 165 -13.82 6.90 40.07
CA THR C 165 -14.46 7.15 38.77
C THR C 165 -15.01 8.59 38.66
N ASN C 166 -14.58 9.49 39.56
CA ASN C 166 -15.04 10.88 39.55
C ASN C 166 -14.65 11.61 38.26
N GLY C 167 -13.60 11.18 37.59
CA GLY C 167 -13.21 11.78 36.32
C GLY C 167 -14.21 11.46 35.24
N ILE C 168 -14.67 10.21 35.20
CA ILE C 168 -15.67 9.79 34.22
C ILE C 168 -16.98 10.56 34.44
N ARG C 169 -17.37 10.72 35.70
CA ARG C 169 -18.58 11.43 36.09
C ARG C 169 -18.47 12.93 35.79
N TYR C 170 -17.36 13.60 36.19
CA TYR C 170 -17.14 15.01 35.95
C TYR C 170 -17.12 15.27 34.45
N HIS C 171 -16.36 14.46 33.67
CA HIS C 171 -16.29 14.65 32.23
C HIS C 171 -17.67 14.50 31.61
N TYR C 172 -18.43 13.44 31.97
CA TYR C 172 -19.79 13.27 31.44
C TYR C 172 -20.65 14.50 31.77
N ASP C 173 -20.70 14.91 33.04
CA ASP C 173 -21.50 16.05 33.45
C ASP C 173 -21.16 17.35 32.71
N GLU C 174 -19.88 17.67 32.59
CA GLU C 174 -19.42 18.92 32.00
C GLU C 174 -19.28 18.93 30.50
N TYR C 175 -19.10 17.75 29.85
CA TYR C 175 -18.89 17.72 28.41
C TYR C 175 -19.94 16.99 27.62
N ILE C 176 -20.56 15.94 28.18
CA ILE C 176 -21.45 15.09 27.41
C ILE C 176 -22.95 15.25 27.70
N HIS C 177 -23.32 15.43 28.96
CA HIS C 177 -24.72 15.53 29.36
C HIS C 177 -25.49 16.60 28.62
N LYS C 178 -24.88 17.76 28.34
CA LYS C 178 -25.57 18.82 27.61
C LYS C 178 -25.94 18.36 26.20
N LEU C 179 -25.09 17.53 25.58
CA LEU C 179 -25.33 17.01 24.24
C LEU C 179 -26.49 16.02 24.27
N ILE C 180 -26.56 15.20 25.32
CA ILE C 180 -27.63 14.23 25.46
C ILE C 180 -28.96 14.97 25.67
N LEU C 181 -28.97 16.01 26.52
CA LEU C 181 -30.17 16.79 26.76
C LEU C 181 -30.62 17.53 25.49
N SER C 182 -29.68 18.04 24.71
CA SER C 182 -30.01 18.73 23.47
C SER C 182 -30.66 17.78 22.48
N VAL C 183 -30.10 16.58 22.29
CA VAL C 183 -30.72 15.58 21.39
C VAL C 183 -32.12 15.18 21.89
N LYS C 184 -32.28 14.97 23.22
CA LYS C 184 -33.58 14.59 23.78
C LYS C 184 -34.62 15.74 23.74
N SER C 185 -34.18 17.01 23.70
CA SER C 185 -35.11 18.13 23.57
C SER C 185 -35.64 18.21 22.12
N LYS C 186 -34.82 17.80 21.15
CA LYS C 186 -35.22 17.76 19.75
C LYS C 186 -36.05 16.48 19.49
N ASN C 187 -36.66 16.36 18.31
CA ASN C 187 -37.39 15.16 17.91
C ASN C 187 -36.79 14.78 16.57
N LEU C 188 -35.69 14.04 16.61
CA LEU C 188 -34.95 13.67 15.41
C LEU C 188 -35.76 12.83 14.45
N ASN C 189 -36.58 11.94 14.98
CA ASN C 189 -37.41 11.09 14.12
C ASN C 189 -38.51 11.92 13.47
N LYS C 190 -39.04 12.95 14.16
CA LYS C 190 -40.04 13.83 13.53
C LYS C 190 -39.36 14.69 12.46
N ASP C 191 -38.07 15.06 12.64
CA ASP C 191 -37.32 15.80 11.62
C ASP C 191 -37.22 14.95 10.33
N LEU C 192 -37.08 13.63 10.47
CA LEU C 192 -37.07 12.69 9.33
C LEU C 192 -38.43 12.65 8.60
N SER C 193 -39.55 12.57 9.34
CA SER C 193 -40.89 12.56 8.70
C SER C 193 -41.11 13.90 7.99
N ASP C 194 -40.68 15.03 8.60
CA ASP C 194 -40.83 16.34 8.00
C ASP C 194 -40.07 16.43 6.69
N MET C 195 -38.87 15.83 6.63
CA MET C 195 -38.07 15.87 5.41
C MET C 195 -38.64 14.95 4.36
N THR C 196 -39.16 13.79 4.76
CA THR C 196 -39.81 12.86 3.83
C THR C 196 -41.06 13.52 3.23
N ASN C 197 -41.81 14.29 4.04
CA ASN C 197 -43.01 14.98 3.54
C ASN C 197 -42.61 16.00 2.47
N ILE C 198 -41.50 16.72 2.70
CA ILE C 198 -40.94 17.70 1.77
C ILE C 198 -40.49 17.04 0.44
N LEU C 199 -39.87 15.86 0.52
CA LEU C 199 -39.43 15.12 -0.67
C LEU C 199 -40.66 14.62 -1.45
N GLN C 200 -41.69 14.17 -0.72
CA GLN C 200 -42.91 13.69 -1.36
C GLN C 200 -43.70 14.83 -2.04
N GLN C 201 -43.68 16.02 -1.44
CA GLN C 201 -44.35 17.19 -2.03
C GLN C 201 -43.63 17.61 -3.32
N SER C 202 -42.29 17.53 -3.33
CA SER C 202 -41.50 17.84 -4.52
C SER C 202 -41.69 16.78 -5.61
N GLU C 203 -41.89 15.52 -5.20
CA GLU C 203 -42.09 14.42 -6.15
C GLU C 203 -43.46 14.52 -6.82
N LEU C 204 -44.50 14.90 -6.06
CA LEU C 204 -45.85 15.07 -6.59
C LEU C 204 -45.85 16.21 -7.58
N LEU C 205 -45.21 17.34 -7.22
CA LEU C 205 -45.11 18.53 -8.07
C LEU C 205 -44.38 18.20 -9.36
N LEU C 206 -43.29 17.45 -9.26
CA LEU C 206 -42.46 17.10 -10.40
C LEU C 206 -43.22 16.27 -11.43
N THR C 207 -44.06 15.33 -10.99
CA THR C 207 -44.85 14.53 -11.92
C THR C 207 -45.90 15.39 -12.61
N ASN C 208 -46.56 16.27 -11.84
CA ASN C 208 -47.55 17.21 -12.37
C ASN C 208 -46.93 18.21 -13.36
N LEU C 209 -45.66 18.57 -13.15
CA LEU C 209 -44.94 19.50 -14.03
C LEU C 209 -44.71 18.83 -15.38
N ASN C 210 -44.31 17.55 -15.38
CA ASN C 210 -44.05 16.82 -16.61
C ASN C 210 -45.28 16.64 -17.47
N LYS C 211 -46.46 16.54 -16.83
CA LYS C 211 -47.72 16.41 -17.56
C LYS C 211 -48.00 17.68 -18.36
N ILE C 217 -37.52 23.15 -19.23
CA ILE C 217 -36.86 24.45 -19.05
C ILE C 217 -36.24 24.55 -17.66
N TYR C 218 -37.06 24.17 -16.65
CA TYR C 218 -36.74 24.13 -15.22
C TYR C 218 -36.73 22.68 -14.70
N ILE C 219 -37.29 21.72 -15.46
CA ILE C 219 -37.41 20.32 -15.04
C ILE C 219 -36.07 19.70 -14.61
N ASP C 220 -35.00 19.86 -15.41
CA ASP C 220 -33.70 19.30 -15.09
C ASP C 220 -33.13 19.86 -13.79
N THR C 221 -33.33 21.16 -13.54
CA THR C 221 -32.87 21.81 -12.33
C THR C 221 -33.60 21.29 -11.11
N ILE C 222 -34.93 21.09 -11.22
CA ILE C 222 -35.71 20.57 -10.10
C ILE C 222 -35.32 19.13 -9.80
N LYS C 223 -35.11 18.32 -10.85
CA LYS C 223 -34.70 16.93 -10.66
C LYS C 223 -33.30 16.89 -10.01
N PHE C 224 -32.39 17.79 -10.43
CA PHE C 224 -31.03 17.81 -9.88
C PHE C 224 -31.04 18.10 -8.38
N ILE C 225 -31.76 19.16 -7.96
CA ILE C 225 -31.81 19.52 -6.54
C ILE C 225 -32.55 18.47 -5.74
N HIS C 226 -33.65 17.93 -6.30
CA HIS C 226 -34.42 16.91 -5.61
C HIS C 226 -33.59 15.65 -5.37
N LYS C 227 -32.79 15.23 -6.36
CA LYS C 227 -31.91 14.07 -6.23
C LYS C 227 -30.88 14.32 -5.13
N GLU C 228 -30.31 15.53 -5.07
CA GLU C 228 -29.37 15.89 -4.02
C GLU C 228 -30.02 15.85 -2.64
N MET C 229 -31.26 16.36 -2.52
CA MET C 229 -31.98 16.35 -1.26
C MET C 229 -32.33 14.91 -0.82
N LYS C 230 -32.51 14.00 -1.78
CA LYS C 230 -32.78 12.60 -1.46
C LYS C 230 -31.53 11.97 -0.84
N HIS C 231 -30.34 12.28 -1.39
CA HIS C 231 -29.06 11.78 -0.86
C HIS C 231 -28.76 12.38 0.53
N ILE C 232 -29.00 13.69 0.70
CA ILE C 232 -28.82 14.36 1.98
C ILE C 232 -29.71 13.72 3.03
N PHE C 233 -30.99 13.48 2.68
CA PHE C 233 -31.94 12.81 3.55
C PHE C 233 -31.45 11.42 3.97
N ASN C 234 -30.93 10.62 3.03
CA ASN C 234 -30.42 9.27 3.33
C ASN C 234 -29.29 9.34 4.34
N ARG C 235 -28.40 10.33 4.20
CA ARG C 235 -27.30 10.49 5.15
C ARG C 235 -27.81 10.96 6.50
N ILE C 236 -28.86 11.81 6.53
CA ILE C 236 -29.44 12.28 7.81
C ILE C 236 -30.10 11.10 8.54
N GLU C 237 -30.77 10.22 7.78
CA GLU C 237 -31.43 9.03 8.30
C GLU C 237 -30.36 8.11 8.90
N TYR C 238 -29.28 7.86 8.14
CA TYR C 238 -28.15 7.06 8.57
C TYR C 238 -27.56 7.59 9.91
N HIS C 239 -27.30 8.91 10.00
CA HIS C 239 -26.73 9.48 11.22
C HIS C 239 -27.72 9.52 12.39
N THR C 240 -29.04 9.70 12.11
CA THR C 240 -30.09 9.75 13.14
C THR C 240 -30.23 8.41 13.84
N LYS C 241 -30.11 7.31 13.08
CA LYS C 241 -30.19 5.97 13.66
C LYS C 241 -29.01 5.76 14.64
N ILE C 242 -27.82 6.23 14.27
CA ILE C 242 -26.65 6.14 15.15
C ILE C 242 -26.88 7.00 16.40
N ILE C 243 -27.44 8.23 16.23
CA ILE C 243 -27.74 9.10 17.37
C ILE C 243 -28.68 8.44 18.34
N ASN C 244 -29.81 7.89 17.85
CA ASN C 244 -30.80 7.23 18.70
C ASN C 244 -30.25 6.02 19.44
N ASP C 245 -29.47 5.19 18.74
CA ASP C 245 -28.85 4.03 19.37
C ASP C 245 -27.82 4.47 20.43
N LYS C 246 -26.98 5.46 20.11
CA LYS C 246 -25.93 5.88 21.03
C LYS C 246 -26.43 6.70 22.21
N THR C 247 -27.55 7.45 22.10
CA THR C 247 -28.06 8.21 23.24
C THR C 247 -28.49 7.23 24.36
N LYS C 248 -29.12 6.13 23.98
CA LYS C 248 -29.59 5.15 24.95
C LYS C 248 -28.41 4.42 25.55
N ILE C 249 -27.47 3.97 24.70
CA ILE C 249 -26.28 3.26 25.17
C ILE C 249 -25.46 4.12 26.16
N ILE C 250 -25.26 5.40 25.89
CA ILE C 250 -24.47 6.29 26.77
C ILE C 250 -25.18 6.48 28.11
N GLN C 251 -26.49 6.66 28.08
CA GLN C 251 -27.27 6.85 29.31
C GLN C 251 -27.26 5.60 30.17
N ASP C 252 -27.31 4.42 29.55
CA ASP C 252 -27.28 3.16 30.29
C ASP C 252 -25.85 2.89 30.81
N LYS C 253 -24.83 3.07 29.95
CA LYS C 253 -23.46 2.81 30.36
C LYS C 253 -22.93 3.76 31.42
N ILE C 254 -23.22 5.06 31.32
CA ILE C 254 -22.70 6.04 32.28
C ILE C 254 -23.07 5.70 33.73
N LYS C 255 -24.26 5.16 33.94
CA LYS C 255 -24.77 4.75 35.25
C LYS C 255 -23.95 3.63 35.86
N LEU C 256 -23.37 2.76 35.02
CA LEU C 256 -22.56 1.64 35.46
C LEU C 256 -21.09 2.02 35.73
N ASN C 257 -20.67 3.21 35.30
CA ASN C 257 -19.29 3.64 35.40
C ASN C 257 -19.01 4.72 36.42
N ILE C 258 -20.02 5.19 37.15
CA ILE C 258 -19.83 6.27 38.11
C ILE C 258 -20.28 5.88 39.52
N TRP C 259 -19.91 6.68 40.54
CA TRP C 259 -20.23 6.44 41.94
C TRP C 259 -19.75 5.08 42.44
N ARG C 260 -18.68 4.58 41.85
CA ARG C 260 -18.11 3.31 42.24
C ARG C 260 -16.59 3.34 42.00
N THR C 261 -15.90 2.29 42.41
CA THR C 261 -14.47 2.11 42.21
C THR C 261 -14.28 0.94 41.24
N PHE C 262 -13.14 0.89 40.60
CA PHE C 262 -12.80 -0.21 39.70
C PHE C 262 -11.35 -0.53 39.93
N GLN C 263 -10.89 -1.71 39.48
CA GLN C 263 -9.46 -2.00 39.43
C GLN C 263 -8.98 -1.17 38.23
N LYS C 264 -7.74 -0.67 38.28
CA LYS C 264 -7.18 0.20 37.26
C LYS C 264 -7.34 -0.29 35.84
N ASP C 265 -7.08 -1.57 35.60
CA ASP C 265 -7.21 -2.12 34.26
C ASP C 265 -8.69 -2.04 33.78
N GLU C 266 -9.65 -2.24 34.70
CA GLU C 266 -11.07 -2.14 34.35
C GLU C 266 -11.49 -0.68 34.12
N LEU C 267 -10.98 0.24 34.95
CA LEU C 267 -11.19 1.70 34.85
C LEU C 267 -10.70 2.16 33.46
N LEU C 268 -9.49 1.74 33.07
CA LEU C 268 -8.93 2.10 31.77
C LEU C 268 -9.83 1.63 30.63
N LYS C 269 -10.34 0.41 30.73
CA LYS C 269 -11.27 -0.17 29.76
C LYS C 269 -12.57 0.60 29.69
N ARG C 270 -13.11 1.02 30.85
CA ARG C 270 -14.33 1.82 30.88
C ARG C 270 -14.12 3.18 30.24
N ILE C 271 -12.96 3.81 30.46
CA ILE C 271 -12.66 5.11 29.88
C ILE C 271 -12.57 4.98 28.35
N LEU C 272 -11.98 3.89 27.85
CA LEU C 272 -11.88 3.68 26.40
C LEU C 272 -13.28 3.35 25.82
N ASP C 273 -14.08 2.57 26.56
CA ASP C 273 -15.43 2.22 26.12
C ASP C 273 -16.31 3.46 26.02
N MET C 274 -16.31 4.30 27.07
CA MET C 274 -17.07 5.53 27.04
C MET C 274 -16.60 6.46 25.95
N SER C 275 -15.30 6.60 25.76
CA SER C 275 -14.76 7.45 24.68
C SER C 275 -15.25 6.98 23.32
N ASN C 276 -15.29 5.66 23.13
CA ASN C 276 -15.77 5.08 21.89
C ASN C 276 -17.22 5.46 21.64
N GLU C 277 -18.10 5.32 22.67
CA GLU C 277 -19.52 5.65 22.52
C GLU C 277 -19.71 7.13 22.28
N TYR C 278 -18.98 7.99 23.00
CA TYR C 278 -19.14 9.43 22.86
C TYR C 278 -18.74 9.87 21.45
N SER C 279 -17.66 9.30 20.92
CA SER C 279 -17.15 9.69 19.61
C SER C 279 -18.08 9.30 18.47
N LEU C 280 -18.73 8.15 18.59
CA LEU C 280 -19.68 7.70 17.58
C LEU C 280 -20.96 8.56 17.64
N PHE C 281 -21.41 8.87 18.84
CA PHE C 281 -22.54 9.76 19.06
C PHE C 281 -22.25 11.20 18.52
N ILE C 282 -21.12 11.81 18.93
CA ILE C 282 -20.71 13.16 18.56
C ILE C 282 -20.54 13.24 17.05
N THR C 283 -19.85 12.25 16.44
CA THR C 283 -19.65 12.28 14.98
C THR C 283 -20.98 12.40 14.21
N SER C 284 -21.97 11.55 14.55
CA SER C 284 -23.24 11.58 13.85
CA SER C 284 -23.25 11.56 13.85
C SER C 284 -24.11 12.77 14.22
N ASP C 285 -24.01 13.27 15.45
CA ASP C 285 -24.79 14.44 15.87
C ASP C 285 -24.30 15.69 15.12
N HIS C 286 -22.98 15.85 15.05
CA HIS C 286 -22.38 16.98 14.36
C HIS C 286 -22.70 16.92 12.85
N LEU C 287 -22.53 15.74 12.24
CA LEU C 287 -22.81 15.58 10.81
C LEU C 287 -24.30 15.72 10.51
N ARG C 288 -25.18 15.18 11.36
CA ARG C 288 -26.62 15.29 11.17
C ARG C 288 -27.05 16.74 11.19
N GLN C 289 -26.46 17.56 12.09
CA GLN C 289 -26.83 18.97 12.17
C GLN C 289 -26.41 19.74 10.91
N MET C 290 -25.23 19.43 10.37
CA MET C 290 -24.75 20.11 9.17
C MET C 290 -25.53 19.65 7.92
N LEU C 291 -25.89 18.38 7.88
CA LEU C 291 -26.69 17.80 6.81
C LEU C 291 -28.13 18.36 6.88
N TYR C 292 -28.67 18.56 8.10
CA TYR C 292 -29.97 19.19 8.32
C TYR C 292 -29.95 20.60 7.71
N ASN C 293 -28.89 21.38 8.00
CA ASN C 293 -28.66 22.70 7.48
C ASN C 293 -28.58 22.66 5.95
N THR C 294 -27.88 21.67 5.41
CA THR C 294 -27.75 21.51 3.97
C THR C 294 -29.11 21.23 3.31
N PHE C 295 -29.90 20.27 3.84
CA PHE C 295 -31.24 19.93 3.32
C PHE C 295 -32.12 21.16 3.21
N TYR C 296 -32.21 21.94 4.28
CA TYR C 296 -33.05 23.13 4.29
C TYR C 296 -32.52 24.28 3.45
N SER C 297 -31.20 24.38 3.26
CA SER C 297 -30.65 25.40 2.38
C SER C 297 -31.01 25.05 0.92
N LYS C 298 -31.00 23.75 0.55
CA LYS C 298 -31.40 23.29 -0.77
C LYS C 298 -32.92 23.46 -0.95
N GLU C 299 -33.72 23.15 0.09
CA GLU C 299 -35.16 23.24 -0.02
C GLU C 299 -35.62 24.69 -0.20
N LYS C 300 -34.88 25.68 0.34
CA LYS C 300 -35.27 27.07 0.18
C LYS C 300 -35.08 27.46 -1.28
N HIS C 301 -33.94 27.05 -1.87
CA HIS C 301 -33.66 27.36 -3.27
C HIS C 301 -34.67 26.68 -4.18
N LEU C 302 -35.00 25.42 -3.88
CA LEU C 302 -35.97 24.66 -4.65
C LEU C 302 -37.35 25.28 -4.53
N ASN C 303 -37.73 25.70 -3.32
CA ASN C 303 -39.04 26.31 -3.12
C ASN C 303 -39.14 27.67 -3.81
N ASN C 304 -38.04 28.40 -3.93
CA ASN C 304 -38.01 29.65 -4.67
C ASN C 304 -38.31 29.38 -6.15
N ILE C 305 -37.79 28.28 -6.70
CA ILE C 305 -38.06 27.89 -8.08
C ILE C 305 -39.55 27.47 -8.23
N PHE C 306 -40.11 26.79 -7.23
CA PHE C 306 -41.53 26.40 -7.25
C PHE C 306 -42.41 27.64 -7.27
N HIS C 307 -42.10 28.62 -6.40
CA HIS C 307 -42.89 29.84 -6.31
C HIS C 307 -42.80 30.61 -7.63
N HIS C 308 -41.62 30.61 -8.26
CA HIS C 308 -41.46 31.30 -9.54
C HIS C 308 -42.36 30.68 -10.60
N LEU C 309 -42.40 29.34 -10.65
CA LEU C 309 -43.23 28.62 -11.59
C LEU C 309 -44.73 28.81 -11.36
N ILE C 310 -45.18 28.62 -10.12
CA ILE C 310 -46.60 28.70 -9.78
C ILE C 310 -47.13 30.11 -9.72
N TYR C 311 -46.45 31.03 -9.03
CA TYR C 311 -46.99 32.37 -8.83
C TYR C 311 -46.40 33.51 -9.68
N VAL C 312 -45.14 33.40 -10.16
CA VAL C 312 -44.58 34.46 -11.00
C VAL C 312 -45.03 34.20 -12.44
N LEU C 313 -44.78 33.00 -12.94
CA LEU C 313 -45.18 32.62 -14.30
C LEU C 313 -46.66 32.16 -14.40
N GLN C 314 -47.36 32.04 -13.26
CA GLN C 314 -48.78 31.68 -13.19
C GLN C 314 -49.18 30.48 -14.05
N GLN D 1 7.10 7.37 36.36
CA GLN D 1 7.39 8.31 35.27
C GLN D 1 8.19 7.60 34.14
N VAL D 2 8.09 8.10 32.89
CA VAL D 2 8.86 7.55 31.79
C VAL D 2 10.35 7.95 31.99
N GLN D 3 11.28 7.00 31.96
CA GLN D 3 12.70 7.28 32.16
C GLN D 3 13.48 6.72 30.99
N LEU D 4 14.48 7.48 30.52
CA LEU D 4 15.32 7.06 29.42
C LEU D 4 16.74 6.91 29.90
N GLN D 5 17.41 5.87 29.41
CA GLN D 5 18.78 5.62 29.79
C GLN D 5 19.63 5.21 28.58
N GLU D 6 20.64 6.00 28.26
CA GLU D 6 21.56 5.69 27.18
C GLU D 6 22.56 4.64 27.67
N SER D 7 23.07 3.82 26.75
CA SER D 7 24.12 2.85 27.03
C SER D 7 24.85 2.55 25.72
N GLY D 8 26.09 2.12 25.84
CA GLY D 8 26.94 1.80 24.69
C GLY D 8 28.38 2.16 24.97
N PRO D 9 29.24 1.98 23.96
CA PRO D 9 30.67 2.29 24.15
C PRO D 9 30.94 3.80 24.28
N GLY D 10 31.77 4.15 25.26
CA GLY D 10 32.18 5.53 25.47
C GLY D 10 33.34 5.96 24.60
N LEU D 11 34.04 5.00 23.98
CA LEU D 11 35.17 5.29 23.11
C LEU D 11 34.94 4.61 21.79
N VAL D 12 35.09 5.35 20.68
CA VAL D 12 34.93 4.80 19.34
C VAL D 12 36.15 5.19 18.49
N LYS D 13 36.63 4.30 17.64
CA LYS D 13 37.78 4.55 16.79
C LYS D 13 37.35 5.30 15.51
N PRO D 14 38.14 6.27 15.01
CA PRO D 14 37.74 6.96 13.76
C PRO D 14 37.43 6.01 12.60
N SER D 15 36.39 6.35 11.80
CA SER D 15 35.87 5.59 10.65
C SER D 15 34.96 4.43 11.05
N GLU D 16 34.86 4.12 12.34
CA GLU D 16 33.99 3.08 12.85
C GLU D 16 32.57 3.62 13.06
N THR D 17 31.63 2.72 13.33
CA THR D 17 30.26 3.12 13.55
C THR D 17 30.05 3.32 15.03
N LEU D 18 29.45 4.45 15.40
CA LEU D 18 29.07 4.73 16.78
C LEU D 18 27.65 4.13 16.93
N SER D 19 27.46 3.29 17.94
CA SER D 19 26.22 2.56 18.12
C SER D 19 25.73 2.66 19.57
N LEU D 20 24.64 3.38 19.78
CA LEU D 20 24.10 3.56 21.12
C LEU D 20 22.70 2.97 21.28
N THR D 21 22.31 2.73 22.54
CA THR D 21 21.03 2.16 22.87
C THR D 21 20.35 3.05 23.90
N CYS D 22 19.03 3.19 23.81
CA CYS D 22 18.27 3.91 24.82
C CYS D 22 17.23 2.94 25.33
N THR D 23 17.25 2.65 26.62
CA THR D 23 16.29 1.73 27.20
C THR D 23 15.22 2.59 27.80
N VAL D 24 13.97 2.35 27.42
CA VAL D 24 12.86 3.13 27.93
C VAL D 24 12.19 2.34 29.03
N SER D 25 11.88 2.98 30.14
CA SER D 25 11.16 2.33 31.23
C SER D 25 10.03 3.29 31.68
N GLY D 26 9.04 2.76 32.37
CA GLY D 26 7.89 3.54 32.80
C GLY D 26 6.86 3.81 31.70
N GLY D 27 7.12 3.33 30.48
CA GLY D 27 6.20 3.54 29.37
C GLY D 27 6.67 2.87 28.10
N PRO D 28 5.77 2.68 27.11
CA PRO D 28 6.19 1.97 25.89
C PRO D 28 6.73 2.86 24.80
N ILE D 29 7.42 2.23 23.82
CA ILE D 29 7.92 2.89 22.61
C ILE D 29 6.70 3.36 21.85
N SER D 30 5.76 2.44 21.58
CA SER D 30 4.46 2.72 20.98
C SER D 30 4.63 3.57 19.68
N SER D 31 3.82 4.61 19.50
CA SER D 31 3.83 5.49 18.34
C SER D 31 4.46 6.86 18.63
N TYR D 32 5.17 7.00 19.79
CA TYR D 32 5.84 8.24 20.17
C TYR D 32 7.08 8.58 19.33
N TYR D 33 7.66 9.77 19.59
CA TYR D 33 8.86 10.22 18.89
C TYR D 33 10.07 9.94 19.77
N TRP D 34 11.04 9.22 19.22
CA TRP D 34 12.22 8.82 19.96
C TRP D 34 13.44 9.43 19.34
N ASN D 35 13.93 10.48 20.01
CA ASN D 35 15.00 11.32 19.51
C ASN D 35 16.39 10.99 20.03
N TRP D 36 17.38 11.37 19.23
CA TRP D 36 18.78 11.38 19.60
C TRP D 36 19.23 12.84 19.36
N ILE D 37 19.83 13.46 20.38
CA ILE D 37 20.33 14.84 20.39
C ILE D 37 21.77 14.73 20.92
N ARG D 38 22.70 15.56 20.44
CA ARG D 38 24.07 15.52 20.95
C ARG D 38 24.60 16.90 21.28
N GLN D 39 25.64 16.96 22.10
CA GLN D 39 26.24 18.23 22.48
C GLN D 39 27.75 18.08 22.47
N PRO D 40 28.41 18.50 21.37
CA PRO D 40 29.89 18.47 21.35
C PRO D 40 30.46 19.34 22.48
N PRO D 41 31.58 18.95 23.10
CA PRO D 41 32.11 19.74 24.25
C PRO D 41 32.25 21.22 23.91
N GLY D 42 31.66 22.06 24.74
CA GLY D 42 31.65 23.51 24.53
C GLY D 42 30.72 24.04 23.46
N LYS D 43 30.19 23.17 22.58
CA LYS D 43 29.25 23.55 21.51
C LYS D 43 27.76 23.40 21.97
N GLY D 44 26.81 23.72 21.08
CA GLY D 44 25.40 23.65 21.41
C GLY D 44 24.72 22.30 21.19
N LEU D 45 23.42 22.24 21.43
CA LEU D 45 22.65 21.02 21.22
C LEU D 45 22.34 20.85 19.75
N GLU D 46 22.56 19.65 19.23
CA GLU D 46 22.31 19.37 17.84
C GLU D 46 21.33 18.20 17.76
N TRP D 47 20.18 18.41 17.12
CA TRP D 47 19.19 17.35 16.98
C TRP D 47 19.64 16.44 15.86
N ILE D 48 19.76 15.15 16.14
CA ILE D 48 20.21 14.17 15.16
C ILE D 48 19.01 13.64 14.35
N GLY D 49 17.96 13.23 15.05
CA GLY D 49 16.76 12.74 14.38
C GLY D 49 15.81 12.04 15.30
N HIS D 50 14.69 11.55 14.74
CA HIS D 50 13.77 10.76 15.56
C HIS D 50 13.06 9.67 14.80
N PHE D 51 12.73 8.60 15.49
CA PHE D 51 11.89 7.53 14.95
C PHE D 51 10.51 7.84 15.53
N TYR D 52 9.43 7.74 14.72
CA TYR D 52 8.11 8.12 15.22
C TYR D 52 6.96 7.41 14.51
N HIS D 53 5.78 7.46 15.12
CA HIS D 53 4.56 6.83 14.57
C HIS D 53 4.76 5.37 14.16
N SER D 54 5.49 4.63 15.00
CA SER D 54 5.69 3.19 14.82
C SER D 54 6.35 2.77 13.50
N GLY D 55 7.15 3.62 12.84
CA GLY D 55 7.79 3.21 11.59
C GLY D 55 8.49 4.28 10.81
N SER D 56 8.15 5.55 11.04
CA SER D 56 8.74 6.63 10.26
C SER D 56 10.00 7.25 10.93
N THR D 57 10.84 7.93 10.16
CA THR D 57 12.03 8.62 10.69
C THR D 57 12.19 10.00 10.05
N ASN D 58 12.64 11.00 10.83
CA ASN D 58 13.04 12.32 10.33
C ASN D 58 14.48 12.47 10.81
N TYR D 59 15.41 12.71 9.91
CA TYR D 59 16.82 12.91 10.30
C TYR D 59 17.25 14.33 9.98
N ASN D 60 18.21 14.87 10.72
CA ASN D 60 18.79 16.18 10.42
C ASN D 60 19.51 16.06 9.08
N PRO D 61 19.23 16.94 8.10
CA PRO D 61 19.91 16.83 6.80
C PRO D 61 21.45 16.92 6.90
N SER D 62 21.99 17.51 8.00
CA SER D 62 23.44 17.57 8.15
C SER D 62 24.05 16.17 8.42
N LEU D 63 23.28 15.26 9.03
CA LEU D 63 23.74 13.92 9.40
C LEU D 63 23.04 12.77 8.69
N LYS D 64 21.98 13.05 7.92
CA LYS D 64 21.11 12.10 7.22
C LYS D 64 21.87 10.99 6.48
N SER D 65 23.01 11.32 5.85
CA SER D 65 23.81 10.30 5.12
C SER D 65 24.52 9.27 6.00
N ARG D 66 24.58 9.50 7.32
CA ARG D 66 25.28 8.58 8.21
C ARG D 66 24.44 8.08 9.38
N VAL D 67 23.14 8.37 9.42
CA VAL D 67 22.37 8.04 10.60
C VAL D 67 21.26 7.02 10.36
N THR D 68 21.09 6.15 11.36
CA THR D 68 20.02 5.18 11.38
C THR D 68 19.43 5.23 12.81
N ILE D 69 18.12 5.38 12.92
CA ILE D 69 17.45 5.32 14.21
C ILE D 69 16.42 4.24 14.06
N SER D 70 16.47 3.22 14.93
CA SER D 70 15.55 2.09 14.85
C SER D 70 15.05 1.69 16.24
N VAL D 71 14.03 0.84 16.32
CA VAL D 71 13.49 0.40 17.62
C VAL D 71 13.43 -1.13 17.72
N ASP D 72 13.26 -1.63 18.97
CA ASP D 72 12.99 -3.03 19.22
C ASP D 72 11.89 -2.95 20.26
N THR D 73 10.62 -3.13 19.82
CA THR D 73 9.49 -2.97 20.72
C THR D 73 9.41 -4.07 21.79
N SER D 74 10.02 -5.24 21.55
CA SER D 74 10.02 -6.31 22.56
C SER D 74 11.00 -5.95 23.71
N LYS D 75 12.12 -5.30 23.37
CA LYS D 75 13.05 -4.84 24.42
C LYS D 75 12.68 -3.45 24.95
N ASN D 76 11.78 -2.71 24.25
CA ASN D 76 11.37 -1.34 24.59
C ASN D 76 12.62 -0.45 24.54
N GLN D 77 13.38 -0.56 23.45
CA GLN D 77 14.60 0.20 23.27
C GLN D 77 14.60 0.82 21.88
N PHE D 78 15.36 1.88 21.72
CA PHE D 78 15.63 2.46 20.40
C PHE D 78 17.14 2.69 20.27
N TYR D 79 17.63 2.73 19.04
CA TYR D 79 19.05 2.73 18.77
C TYR D 79 19.49 3.85 17.87
N LEU D 80 20.78 4.20 17.96
CA LEU D 80 21.38 5.16 17.07
C LEU D 80 22.58 4.50 16.47
N ASN D 81 22.70 4.54 15.14
CA ASN D 81 23.91 4.07 14.48
C ASN D 81 24.36 5.23 13.63
N LEU D 82 25.55 5.76 13.95
CA LEU D 82 26.15 6.90 13.26
C LEU D 82 27.42 6.35 12.62
N SER D 83 27.42 6.22 11.31
CA SER D 83 28.57 5.64 10.59
C SER D 83 29.77 6.60 10.41
N SER D 84 30.94 6.02 10.03
CA SER D 84 32.19 6.72 9.71
C SER D 84 32.49 7.93 10.60
N VAL D 85 32.52 7.70 11.93
CA VAL D 85 32.75 8.81 12.85
C VAL D 85 34.14 9.42 12.75
N THR D 86 34.23 10.71 13.08
CA THR D 86 35.47 11.47 13.15
C THR D 86 35.46 12.17 14.53
N ALA D 87 36.58 12.82 14.94
CA ALA D 87 36.66 13.56 16.19
C ALA D 87 35.52 14.58 16.33
N ALA D 88 35.00 15.09 15.18
CA ALA D 88 33.88 16.03 15.19
C ALA D 88 32.60 15.42 15.81
N ASP D 89 32.50 14.08 15.88
CA ASP D 89 31.36 13.40 16.47
C ASP D 89 31.49 13.14 17.97
N SER D 90 32.59 13.61 18.61
CA SER D 90 32.77 13.49 20.05
C SER D 90 31.77 14.46 20.67
N ALA D 91 30.90 13.94 21.54
CA ALA D 91 29.80 14.72 22.12
C ALA D 91 29.14 13.94 23.26
N VAL D 92 28.34 14.61 24.09
CA VAL D 92 27.50 13.91 25.03
C VAL D 92 26.24 13.56 24.18
N TYR D 93 25.86 12.29 24.13
CA TYR D 93 24.69 11.87 23.36
C TYR D 93 23.50 11.66 24.28
N PHE D 94 22.38 12.29 23.94
CA PHE D 94 21.17 12.17 24.72
C PHE D 94 20.07 11.48 23.93
N CYS D 95 19.34 10.57 24.58
CA CYS D 95 18.11 10.07 23.98
C CYS D 95 16.98 10.87 24.65
N ALA D 96 15.90 11.15 23.89
CA ALA D 96 14.84 11.99 24.39
C ALA D 96 13.52 11.60 23.79
N ARG D 97 12.47 11.71 24.60
CA ARG D 97 11.12 11.38 24.25
C ARG D 97 10.32 12.60 23.87
N GLN D 98 9.48 12.47 22.85
CA GLN D 98 8.62 13.54 22.40
C GLN D 98 7.25 12.91 22.04
N VAL D 99 6.15 13.60 22.35
CA VAL D 99 4.81 13.04 22.10
C VAL D 99 4.29 13.39 20.73
N THR D 100 4.42 14.67 20.32
CA THR D 100 3.90 15.11 19.03
C THR D 100 4.90 16.05 18.31
N MET D 101 4.66 16.30 17.00
CA MET D 101 5.33 17.34 16.25
C MET D 101 4.40 18.58 16.22
N ILE D 102 3.05 18.40 16.34
CA ILE D 102 2.05 19.47 16.42
C ILE D 102 2.43 20.44 17.55
N GLN D 103 2.92 19.90 18.67
CA GLN D 103 3.43 20.71 19.78
C GLN D 103 4.78 20.05 20.11
N GLY D 104 5.80 20.37 19.32
CA GLY D 104 7.12 19.74 19.32
C GLY D 104 8.08 19.96 20.46
N LEU D 105 7.63 19.71 21.69
CA LEU D 105 8.49 19.78 22.87
C LEU D 105 9.01 18.35 23.20
N ILE D 106 10.15 18.26 23.89
CA ILE D 106 10.78 17.01 24.29
C ILE D 106 10.46 16.91 25.78
N ASP D 107 9.59 15.99 26.17
CA ASP D 107 9.16 15.94 27.57
C ASP D 107 9.99 15.04 28.48
N SER D 108 10.86 14.19 27.94
CA SER D 108 11.73 13.36 28.81
C SER D 108 13.09 13.23 28.20
N TRP D 109 14.14 13.51 28.96
CA TRP D 109 15.51 13.39 28.46
C TRP D 109 16.29 12.41 29.28
N GLY D 110 17.12 11.62 28.61
CA GLY D 110 18.08 10.80 29.31
C GLY D 110 19.17 11.70 29.91
N GLN D 111 19.92 11.19 30.87
CA GLN D 111 21.00 11.96 31.51
C GLN D 111 22.13 12.32 30.53
N GLY D 112 22.31 11.51 29.48
CA GLY D 112 23.33 11.71 28.47
C GLY D 112 24.58 10.93 28.78
N MET D 113 25.34 10.58 27.75
CA MET D 113 26.59 9.86 27.94
C MET D 113 27.63 10.36 26.99
N LEU D 114 28.85 10.59 27.49
CA LEU D 114 29.94 11.06 26.66
C LEU D 114 30.40 9.98 25.74
N VAL D 115 30.60 10.31 24.45
CA VAL D 115 31.19 9.38 23.51
C VAL D 115 32.36 10.15 22.90
N THR D 116 33.57 9.65 23.08
CA THR D 116 34.74 10.29 22.50
C THR D 116 35.25 9.46 21.37
N VAL D 117 35.56 10.08 20.23
CA VAL D 117 36.17 9.33 19.15
C VAL D 117 37.71 9.63 19.21
N SER D 118 38.52 8.56 19.15
CA SER D 118 39.98 8.68 19.23
C SER D 118 40.66 8.99 17.89
N ASP D 135 18.42 25.70 7.56
CA ASP D 135 18.10 25.44 8.98
C ASP D 135 17.56 26.72 9.61
N ILE D 136 16.72 26.58 10.64
CA ILE D 136 16.25 27.76 11.36
C ILE D 136 17.24 27.96 12.46
N GLN D 137 18.02 29.00 12.34
CA GLN D 137 19.08 29.30 13.28
C GLN D 137 18.53 30.01 14.49
N MET D 138 18.75 29.45 15.68
CA MET D 138 18.29 30.06 16.92
C MET D 138 19.46 30.77 17.60
N THR D 139 19.43 32.11 17.63
CA THR D 139 20.47 32.91 18.26
C THR D 139 20.08 33.19 19.70
N GLN D 140 20.68 32.47 20.64
CA GLN D 140 20.40 32.65 22.06
C GLN D 140 21.48 33.50 22.73
N SER D 141 21.09 34.44 23.57
CA SER D 141 22.03 35.35 24.21
C SER D 141 21.57 35.65 25.64
N PRO D 142 22.50 35.85 26.59
CA PRO D 142 23.96 35.75 26.46
C PRO D 142 24.46 34.30 26.57
N SER D 143 25.74 34.07 26.28
CA SER D 143 26.34 32.73 26.39
C SER D 143 26.34 32.30 27.86
N SER D 144 26.67 33.25 28.76
CA SER D 144 26.70 33.00 30.18
C SER D 144 26.30 34.29 30.90
N LEU D 145 25.80 34.13 32.09
CA LEU D 145 25.26 35.23 32.86
C LEU D 145 25.58 34.96 34.31
N SER D 146 25.97 36.01 35.02
CA SER D 146 26.25 35.89 36.45
C SER D 146 25.42 36.98 37.11
N ALA D 147 24.57 36.60 38.06
CA ALA D 147 23.68 37.56 38.72
C ALA D 147 23.49 37.24 40.21
N SER D 148 23.00 38.20 41.00
CA SER D 148 22.75 37.99 42.42
C SER D 148 21.35 37.40 42.65
N VAL D 149 21.10 36.83 43.85
CA VAL D 149 19.78 36.34 44.23
C VAL D 149 18.84 37.58 44.29
N GLY D 150 17.67 37.45 43.69
CA GLY D 150 16.71 38.54 43.62
C GLY D 150 16.81 39.37 42.34
N ASP D 151 17.82 39.10 41.50
CA ASP D 151 18.01 39.88 40.27
C ASP D 151 17.07 39.43 39.17
N ARG D 152 16.72 40.34 38.28
CA ARG D 152 15.89 40.02 37.12
C ARG D 152 16.84 39.49 36.03
N VAL D 153 16.48 38.39 35.39
CA VAL D 153 17.33 37.78 34.37
C VAL D 153 16.51 37.68 33.11
N THR D 154 17.06 38.15 31.99
CA THR D 154 16.37 38.08 30.71
C THR D 154 17.30 37.36 29.76
N ILE D 155 16.84 36.24 29.22
CA ILE D 155 17.59 35.46 28.23
C ILE D 155 16.82 35.55 26.94
N THR D 156 17.48 35.84 25.81
CA THR D 156 16.76 36.03 24.57
C THR D 156 17.05 34.93 23.57
N CYS D 157 16.09 34.71 22.68
CA CYS D 157 16.24 33.76 21.61
C CYS D 157 15.71 34.45 20.33
N GLN D 158 16.55 34.57 19.29
CA GLN D 158 16.15 35.23 18.05
C GLN D 158 16.24 34.24 16.88
N ALA D 159 15.13 34.00 16.21
CA ALA D 159 15.08 33.02 15.13
C ALA D 159 15.38 33.67 13.80
N SER D 160 16.10 32.95 12.93
CA SER D 160 16.44 33.47 11.61
C SER D 160 15.25 33.56 10.66
N GLN D 161 14.14 32.88 10.98
CA GLN D 161 12.89 32.83 10.21
C GLN D 161 11.74 32.96 11.18
N ASP D 162 10.54 33.33 10.69
CA ASP D 162 9.36 33.38 11.54
C ASP D 162 9.04 31.95 12.06
N ILE D 163 8.89 31.78 13.38
CA ILE D 163 8.56 30.49 13.95
C ILE D 163 7.27 30.54 14.74
N ASN D 164 6.44 31.62 14.56
CA ASN D 164 5.18 31.86 15.25
C ASN D 164 5.35 31.65 16.76
N ASN D 165 4.59 30.74 17.39
CA ASN D 165 4.73 30.42 18.81
C ASN D 165 5.37 29.04 19.05
N SER D 166 6.03 28.47 18.04
CA SER D 166 6.64 27.15 18.13
C SER D 166 8.01 27.16 18.83
N LEU D 167 8.07 27.66 20.07
CA LEU D 167 9.32 27.76 20.79
C LEU D 167 9.18 27.26 22.20
N ASN D 168 10.17 26.48 22.66
CA ASN D 168 10.17 25.92 24.01
C ASN D 168 11.49 26.25 24.72
N TRP D 169 11.50 26.21 26.05
CA TRP D 169 12.68 26.47 26.86
C TRP D 169 12.90 25.28 27.78
N TYR D 170 14.16 24.90 27.96
CA TYR D 170 14.58 23.80 28.82
C TYR D 170 15.55 24.31 29.87
N GLN D 171 15.59 23.64 31.02
CA GLN D 171 16.49 23.96 32.11
C GLN D 171 17.32 22.72 32.40
N GLN D 172 18.64 22.89 32.53
CA GLN D 172 19.53 21.79 32.85
C GLN D 172 20.29 22.17 34.12
N LYS D 173 19.79 21.74 35.28
CA LYS D 173 20.45 22.01 36.56
C LYS D 173 21.78 21.24 36.61
N PRO D 174 22.75 21.67 37.45
CA PRO D 174 24.05 20.99 37.49
C PRO D 174 23.97 19.50 37.79
N GLY D 175 24.50 18.69 36.86
CA GLY D 175 24.51 17.25 36.99
C GLY D 175 23.15 16.59 36.81
N LYS D 176 22.18 17.32 36.23
CA LYS D 176 20.85 16.75 36.04
C LYS D 176 20.47 16.64 34.55
N ALA D 177 19.37 15.95 34.25
CA ALA D 177 18.87 15.86 32.90
C ALA D 177 18.18 17.18 32.53
N LEU D 178 18.08 17.46 31.23
CA LEU D 178 17.31 18.60 30.72
C LEU D 178 15.85 18.40 31.07
N LYS D 179 15.17 19.47 31.45
CA LYS D 179 13.74 19.39 31.80
C LYS D 179 13.02 20.50 31.09
N LEU D 180 11.77 20.23 30.67
CA LEU D 180 10.92 21.23 30.04
C LEU D 180 10.60 22.29 31.06
N LEU D 181 10.76 23.54 30.67
CA LEU D 181 10.47 24.65 31.57
C LEU D 181 9.26 25.41 31.06
N ILE D 182 9.30 25.80 29.77
CA ILE D 182 8.26 26.58 29.14
C ILE D 182 8.02 26.04 27.73
N TYR D 183 6.74 25.90 27.34
CA TYR D 183 6.38 25.43 26.00
C TYR D 183 5.47 26.41 25.33
N ASP D 184 5.53 26.47 23.98
CA ASP D 184 4.71 27.38 23.19
C ASP D 184 4.80 28.82 23.67
N VAL D 185 6.06 29.31 23.80
CA VAL D 185 6.47 30.65 24.15
C VAL D 185 6.25 31.01 25.62
N SER D 186 5.03 30.89 26.12
CA SER D 186 4.72 31.39 27.44
C SER D 186 4.08 30.44 28.40
N ASN D 187 3.91 29.16 28.03
CA ASN D 187 3.23 28.23 28.94
C ASN D 187 4.16 27.54 29.89
N LEU D 188 3.89 27.61 31.18
CA LEU D 188 4.77 26.99 32.18
C LEU D 188 4.48 25.54 32.31
N GLU D 189 5.55 24.75 32.34
CA GLU D 189 5.42 23.31 32.60
C GLU D 189 4.97 23.15 34.07
N THR D 190 4.17 22.11 34.37
CA THR D 190 3.67 21.81 35.70
C THR D 190 4.80 21.83 36.74
N GLY D 191 4.59 22.54 37.84
CA GLY D 191 5.56 22.63 38.93
C GLY D 191 6.59 23.74 38.80
N VAL D 192 6.68 24.40 37.62
CA VAL D 192 7.65 25.47 37.41
C VAL D 192 7.15 26.70 38.17
N PRO D 193 8.02 27.34 38.99
CA PRO D 193 7.56 28.50 39.79
C PRO D 193 7.19 29.73 38.95
N SER D 194 6.28 30.55 39.48
CA SER D 194 5.73 31.76 38.86
C SER D 194 6.74 32.83 38.50
N ARG D 195 7.95 32.78 39.10
CA ARG D 195 9.00 33.74 38.76
C ARG D 195 9.52 33.54 37.34
N PHE D 196 9.25 32.39 36.70
CA PHE D 196 9.61 32.17 35.31
C PHE D 196 8.46 32.60 34.43
N SER D 197 8.78 33.18 33.29
CA SER D 197 7.80 33.53 32.29
C SER D 197 8.49 33.57 30.93
N GLY D 198 7.71 33.50 29.88
CA GLY D 198 8.25 33.52 28.53
C GLY D 198 7.44 34.49 27.70
N GLU D 199 8.10 35.20 26.80
CA GLU D 199 7.45 36.19 25.95
C GLU D 199 7.96 36.08 24.53
N GLY D 200 7.27 36.72 23.60
CA GLY D 200 7.73 36.80 22.23
C GLY D 200 6.75 36.30 21.21
N SER D 201 7.10 36.47 19.94
CA SER D 201 6.30 36.05 18.80
C SER D 201 7.13 36.23 17.54
N GLY D 202 6.84 35.44 16.51
CA GLY D 202 7.51 35.54 15.22
C GLY D 202 8.97 35.15 15.27
N THR D 203 9.86 36.11 15.51
CA THR D 203 11.30 35.88 15.52
C THR D 203 11.99 36.29 16.83
N ASP D 204 11.27 36.94 17.75
CA ASP D 204 11.91 37.46 18.97
C ASP D 204 11.28 36.85 20.19
N PHE D 205 12.10 36.22 21.05
CA PHE D 205 11.59 35.55 22.24
C PHE D 205 12.47 35.83 23.45
N SER D 206 11.87 35.76 24.65
CA SER D 206 12.62 35.96 25.86
C SER D 206 12.12 35.02 26.96
N LEU D 207 13.04 34.57 27.80
CA LEU D 207 12.77 33.78 29.00
C LEU D 207 13.14 34.73 30.13
N ILE D 208 12.24 34.97 31.06
CA ILE D 208 12.51 35.93 32.14
C ILE D 208 12.40 35.26 33.50
N ILE D 209 13.41 35.47 34.35
CA ILE D 209 13.36 35.00 35.72
C ILE D 209 13.21 36.32 36.46
N SER D 210 12.03 36.58 37.04
CA SER D 210 11.78 37.86 37.71
C SER D 210 12.67 38.11 38.91
N SER D 211 12.98 37.06 39.65
CA SER D 211 13.79 37.16 40.87
C SER D 211 14.60 35.90 41.03
N LEU D 212 15.87 35.93 40.59
CA LEU D 212 16.76 34.77 40.58
C LEU D 212 16.92 34.13 41.95
N GLN D 213 16.76 32.81 42.04
CA GLN D 213 16.90 32.06 43.28
C GLN D 213 18.07 31.07 43.14
N PRO D 214 18.68 30.65 44.25
CA PRO D 214 19.79 29.67 44.15
C PRO D 214 19.47 28.41 43.36
N GLU D 215 18.22 27.95 43.43
N GLU D 215 18.21 27.93 43.43
CA GLU D 215 17.78 26.76 42.69
CA GLU D 215 17.83 26.74 42.68
C GLU D 215 17.72 26.99 41.18
C GLU D 215 17.66 26.99 41.17
N ASP D 216 17.86 28.22 40.70
CA ASP D 216 17.76 28.53 39.28
C ASP D 216 19.09 28.45 38.54
N ILE D 217 20.21 28.13 39.26
CA ILE D 217 21.54 27.96 38.66
C ILE D 217 21.43 26.75 37.75
N ALA D 218 21.60 26.94 36.45
CA ALA D 218 21.40 25.90 35.45
C ALA D 218 21.85 26.44 34.09
N THR D 219 21.90 25.60 33.04
CA THR D 219 22.08 26.09 31.68
C THR D 219 20.66 26.03 31.05
N TYR D 220 20.24 27.10 30.36
CA TYR D 220 18.92 27.18 29.73
C TYR D 220 19.05 27.11 28.21
N TYR D 221 18.08 26.51 27.51
CA TYR D 221 18.15 26.41 26.05
C TYR D 221 16.81 26.69 25.44
N CYS D 222 16.77 27.42 24.31
CA CYS D 222 15.51 27.58 23.59
C CYS D 222 15.48 26.56 22.44
N GLN D 223 14.29 26.23 21.93
CA GLN D 223 14.16 25.22 20.88
C GLN D 223 12.95 25.50 20.00
N GLN D 224 13.17 25.46 18.69
CA GLN D 224 12.13 25.71 17.72
C GLN D 224 11.60 24.39 17.17
N TYR D 225 10.31 24.36 16.81
CA TYR D 225 9.73 23.22 16.12
C TYR D 225 8.86 23.59 14.92
N GLU D 226 8.90 24.85 14.47
CA GLU D 226 8.17 25.32 13.30
C GLU D 226 8.54 24.51 12.03
N ALA D 227 9.80 24.10 11.93
CA ALA D 227 10.26 23.32 10.78
C ALA D 227 11.38 22.37 11.16
N LEU D 228 11.51 21.28 10.41
CA LEU D 228 12.58 20.33 10.60
C LEU D 228 13.78 20.80 9.76
N PRO D 229 15.02 20.58 10.23
CA PRO D 229 15.37 19.91 11.49
C PRO D 229 15.00 20.75 12.70
N LEU D 230 14.75 20.08 13.84
CA LEU D 230 14.52 20.79 15.09
C LEU D 230 15.91 21.46 15.45
N THR D 231 15.89 22.72 15.93
CA THR D 231 17.14 23.38 16.27
C THR D 231 17.01 24.03 17.64
N PHE D 232 18.14 24.20 18.30
CA PHE D 232 18.21 24.76 19.64
C PHE D 232 19.11 25.99 19.66
N GLY D 233 18.93 26.84 20.67
CA GLY D 233 19.83 27.95 20.90
C GLY D 233 21.14 27.39 21.46
N GLY D 234 22.20 28.18 21.39
CA GLY D 234 23.50 27.78 21.91
C GLY D 234 23.56 27.57 23.42
N GLY D 235 22.56 28.06 24.14
CA GLY D 235 22.50 27.87 25.58
C GLY D 235 22.93 29.08 26.37
N THR D 236 22.49 29.15 27.63
CA THR D 236 22.83 30.26 28.51
C THR D 236 23.10 29.71 29.90
N LYS D 237 24.36 29.78 30.35
CA LYS D 237 24.69 29.27 31.67
C LYS D 237 24.43 30.38 32.66
N VAL D 238 23.61 30.12 33.67
CA VAL D 238 23.26 31.11 34.68
C VAL D 238 23.92 30.71 35.98
N GLU D 239 24.65 31.63 36.61
CA GLU D 239 25.33 31.38 37.89
C GLU D 239 25.15 32.54 38.88
N ILE D 240 25.35 32.27 40.18
CA ILE D 240 25.22 33.32 41.21
C ILE D 240 26.54 34.05 41.45
N LYS D 241 26.47 35.37 41.64
CA LYS D 241 27.62 36.21 41.98
C LYS D 241 27.48 36.71 43.43
C1 EDO E . -5.00 -8.68 -14.43
O1 EDO E . -4.80 -9.99 -14.90
C2 EDO E . -3.70 -7.86 -14.58
O2 EDO E . -2.67 -8.44 -13.80
C1 GOL F . -5.87 -6.05 -22.75
O1 GOL F . -5.33 -4.76 -23.03
C2 GOL F . -5.09 -6.72 -21.64
O2 GOL F . -3.69 -6.58 -21.89
C3 GOL F . -5.44 -8.20 -21.63
O3 GOL F . -6.82 -8.38 -21.34
C1 PEG G . 0.52 -24.90 -31.71
O1 PEG G . -0.44 -24.11 -31.03
C2 PEG G . 1.11 -24.17 -32.89
O2 PEG G . 2.04 -25.00 -33.57
C3 PEG G . 3.37 -24.51 -33.57
C4 PEG G . 3.93 -24.53 -34.96
O4 PEG G . 5.36 -24.45 -34.97
C1 GOL H . 16.65 -13.17 -23.75
O1 GOL H . 16.95 -11.97 -23.06
C2 GOL H . 15.86 -14.11 -22.87
O2 GOL H . 14.49 -13.69 -22.79
C3 GOL H . 15.97 -15.55 -23.35
O3 GOL H . 14.94 -15.90 -24.28
C1 PEG I . -17.21 21.56 27.37
O1 PEG I . -17.54 21.66 25.99
C2 PEG I . -17.42 22.83 28.11
O2 PEG I . -17.17 22.62 29.50
C3 PEG I . -15.81 22.81 29.87
C4 PEG I . -15.67 22.80 31.37
O4 PEG I . -14.46 23.42 31.80
C1 EDO J . -25.50 19.24 20.40
O1 EDO J . -26.18 18.15 21.05
C2 EDO J . -25.91 20.61 20.99
O2 EDO J . -25.70 20.63 22.40
C1 GOL K . 4.33 18.64 28.89
O1 GOL K . 4.75 17.36 28.45
C2 GOL K . 3.30 19.25 27.98
O2 GOL K . 2.45 18.22 27.44
C3 GOL K . 2.48 20.21 28.81
O3 GOL K . 1.19 20.44 28.26
#